data_3SDO
#
_entry.id   3SDO
#
_cell.length_a   57.187
_cell.length_b   92.783
_cell.length_c   162.700
_cell.angle_alpha   90.000
_cell.angle_beta   90.000
_cell.angle_gamma   90.000
#
_symmetry.space_group_name_H-M   'P 21 21 21'
#
loop_
_entity.id
_entity.type
_entity.pdbx_description
1 polymer 'Nitrilotriacetate monooxygenase'
2 non-polymer 1,2-ETHANEDIOL
3 water water
#
_entity_poly.entity_id   1
_entity_poly.type   'polypeptide(L)'
_entity_poly.pdbx_seq_one_letter_code
;GPGSMTRKHIHFGVLIQGAGANMNAWKHPSVPPDASVNFDFYVDRARRAENAGIAFAFIADSAYVTPKSAPHFLNRFEPI
SLLSALAVLTSKIGLVGTMSSSYSEPYNVARQFASLDLISGGRAGWNVVTSSIEGTGKNYGRPHPDHAQRYAIAAEHLDV
VQGLWDSWDDDALVRDRATGRFFDPDKLHRLDHRGRFFSVEGPLNIRRSPQGQPVIFQAGSSDDGIDLAGRSADAVFSNG
STFDEARVFYRRVKAAAAAAGRNPDHVKVFPGIGPIVGATQQEADDKYRQVRDLLSPREALAYLSHFFQQHDFSVYPLDG
PFPDIGTLGSDGFQSTTDNIKRLARERKLTLREVAYEVSTRRSNIGTSEAFIGTPEAVASEMIRWVDEGAADGFMLGLPV
TGFGLDDFVDHVLPVLSARGYFDPVRRGATLRDHLGLPYKESRYARDAQVAAI
;
_entity_poly.pdbx_strand_id   A,B
#
loop_
_chem_comp.id
_chem_comp.type
_chem_comp.name
_chem_comp.formula
EDO non-polymer 1,2-ETHANEDIOL 'C2 H6 O2'
#
# COMPACT_ATOMS: atom_id res chain seq x y z
N GLY A 3 -32.64 5.06 -27.97
CA GLY A 3 -34.04 4.89 -27.51
C GLY A 3 -34.38 3.43 -27.34
N SER A 4 -33.34 2.60 -27.09
CA SER A 4 -33.55 1.17 -26.87
C SER A 4 -34.44 0.95 -25.67
N MET A 5 -35.30 -0.06 -25.72
CA MET A 5 -36.19 -0.38 -24.59
C MET A 5 -35.41 -0.95 -23.38
N THR A 6 -34.15 -1.34 -23.58
CA THR A 6 -33.34 -1.90 -22.50
C THR A 6 -32.15 -0.98 -22.10
N ARG A 7 -32.22 0.32 -22.43
CA ARG A 7 -31.16 1.28 -22.11
C ARG A 7 -30.88 1.29 -20.62
N LYS A 8 -29.59 1.23 -20.27
CA LYS A 8 -29.18 1.48 -18.92
C LYS A 8 -27.70 1.85 -18.83
N HIS A 9 -27.36 2.57 -17.77
CA HIS A 9 -25.98 2.88 -17.46
C HIS A 9 -25.07 1.63 -17.40
N ILE A 10 -24.00 1.67 -18.17
CA ILE A 10 -22.97 0.64 -18.15
C ILE A 10 -21.84 1.10 -17.24
N HIS A 11 -21.58 0.35 -16.17
CA HIS A 11 -20.49 0.68 -15.25
C HIS A 11 -19.13 0.37 -15.90
N PHE A 12 -18.11 1.18 -15.63
CA PHE A 12 -16.75 0.90 -16.07
C PHE A 12 -15.75 1.01 -14.95
N GLY A 13 -14.77 0.12 -15.01
CA GLY A 13 -13.55 0.25 -14.23
C GLY A 13 -12.38 0.31 -15.20
N VAL A 14 -11.24 0.83 -14.76
CA VAL A 14 -10.03 0.80 -15.59
C VAL A 14 -8.88 0.14 -14.85
N LEU A 15 -8.37 -0.91 -15.47
CA LEU A 15 -7.14 -1.57 -15.05
C LEU A 15 -5.99 -0.66 -15.45
N ILE A 16 -5.26 -0.11 -14.49
CA ILE A 16 -4.09 0.68 -14.84
C ILE A 16 -2.86 -0.17 -14.65
N GLN A 17 -2.49 -0.91 -15.70
CA GLN A 17 -1.35 -1.80 -15.68
C GLN A 17 -0.13 -1.05 -16.20
N GLY A 18 0.26 0.01 -15.50
CA GLY A 18 1.38 0.83 -15.92
C GLY A 18 1.22 1.25 -17.36
N ALA A 19 2.23 0.94 -18.15
CA ALA A 19 2.25 1.28 -19.57
C ALA A 19 1.09 0.72 -20.37
N GLY A 20 0.58 -0.44 -19.98
CA GLY A 20 -0.54 -1.03 -20.70
C GLY A 20 -0.71 -2.51 -20.45
N ALA A 21 -1.85 -3.03 -20.85
CA ALA A 21 -2.15 -4.46 -20.74
C ALA A 21 -1.26 -5.27 -21.68
N ASN A 22 -0.83 -4.65 -22.78
CA ASN A 22 0.14 -5.31 -23.67
C ASN A 22 1.52 -5.31 -22.97
N MET A 23 2.15 -6.48 -22.93
CA MET A 23 3.39 -6.65 -22.20
C MET A 23 4.49 -5.67 -22.67
N ASN A 24 4.44 -5.29 -23.95
CA ASN A 24 5.43 -4.41 -24.55
C ASN A 24 4.97 -2.95 -24.73
N ALA A 25 3.97 -2.55 -23.96
CA ALA A 25 3.39 -1.22 -24.05
C ALA A 25 4.41 -0.11 -23.70
N TRP A 26 5.43 -0.45 -22.93
CA TRP A 26 6.48 0.53 -22.57
C TRP A 26 7.18 1.12 -23.79
N LYS A 27 7.10 0.41 -24.92
CA LYS A 27 7.70 0.86 -26.18
C LYS A 27 6.84 1.91 -26.90
N HIS A 28 5.56 2.02 -26.56
CA HIS A 28 4.67 2.92 -27.30
C HIS A 28 4.91 4.38 -26.93
N PRO A 29 5.03 5.28 -27.95
CA PRO A 29 5.31 6.70 -27.66
C PRO A 29 4.25 7.47 -26.90
N SER A 30 3.03 6.96 -26.78
CA SER A 30 1.99 7.67 -26.03
C SER A 30 2.12 7.53 -24.50
N VAL A 31 3.07 6.72 -24.02
CA VAL A 31 3.35 6.60 -22.60
C VAL A 31 4.83 6.84 -22.32
N PRO A 32 5.18 7.27 -21.10
CA PRO A 32 6.62 7.30 -20.75
C PRO A 32 7.17 5.88 -20.64
N PRO A 33 8.44 5.69 -21.01
CA PRO A 33 9.03 4.35 -20.98
C PRO A 33 8.98 3.69 -19.59
N ASP A 34 9.13 4.49 -18.54
CA ASP A 34 9.06 3.97 -17.15
C ASP A 34 7.65 4.06 -16.55
N ALA A 35 6.65 4.15 -17.41
CA ALA A 35 5.26 4.28 -16.97
C ALA A 35 4.90 3.37 -15.79
N SER A 36 5.33 2.11 -15.81
CA SER A 36 4.93 1.17 -14.75
C SER A 36 5.33 1.57 -13.33
N VAL A 37 6.41 2.32 -13.18
CA VAL A 37 6.84 2.86 -11.89
C VAL A 37 7.06 4.37 -11.99
N ASN A 38 6.13 5.04 -12.68
CA ASN A 38 6.13 6.49 -12.80
C ASN A 38 4.85 6.98 -12.12
N PHE A 39 4.96 7.51 -10.90
CA PHE A 39 3.78 7.87 -10.12
C PHE A 39 2.89 8.90 -10.80
N ASP A 40 3.49 9.96 -11.32
CA ASP A 40 2.71 11.00 -11.98
C ASP A 40 1.90 10.47 -13.18
N PHE A 41 2.43 9.48 -13.88
CA PHE A 41 1.66 8.80 -14.94
C PHE A 41 0.39 8.17 -14.42
N TYR A 42 0.47 7.41 -13.31
CA TYR A 42 -0.74 6.87 -12.69
C TYR A 42 -1.75 7.96 -12.28
N VAL A 43 -1.27 9.09 -11.77
CA VAL A 43 -2.15 10.20 -11.40
C VAL A 43 -2.88 10.76 -12.64
N ASP A 44 -2.13 10.98 -13.71
CA ASP A 44 -2.71 11.47 -14.94
C ASP A 44 -3.80 10.54 -15.49
N ARG A 45 -3.50 9.24 -15.54
CA ARG A 45 -4.46 8.24 -16.00
C ARG A 45 -5.67 8.10 -15.06
N ALA A 46 -5.44 8.08 -13.75
CA ALA A 46 -6.56 8.01 -12.81
C ALA A 46 -7.48 9.23 -12.95
N ARG A 47 -6.88 10.41 -13.12
CA ARG A 47 -7.67 11.65 -13.30
C ARG A 47 -8.43 11.69 -14.62
N ARG A 48 -7.78 11.20 -15.67
CA ARG A 48 -8.41 11.08 -16.98
C ARG A 48 -9.65 10.20 -16.89
N ALA A 49 -9.52 9.05 -16.25
CA ALA A 49 -10.65 8.16 -16.06
C ALA A 49 -11.75 8.79 -15.18
N GLU A 50 -11.33 9.39 -14.08
CA GLU A 50 -12.26 9.99 -13.13
C GLU A 50 -13.07 11.11 -13.80
N ASN A 51 -12.39 11.94 -14.59
CA ASN A 51 -13.08 13.05 -15.22
C ASN A 51 -14.13 12.59 -16.27
N ALA A 52 -13.97 11.37 -16.78
CA ALA A 52 -14.89 10.78 -17.77
C ALA A 52 -16.06 10.02 -17.11
N GLY A 53 -16.03 9.90 -15.80
CA GLY A 53 -17.07 9.17 -15.09
C GLY A 53 -16.85 7.67 -14.94
N ILE A 54 -15.63 7.22 -15.17
CA ILE A 54 -15.28 5.83 -14.90
C ILE A 54 -15.34 5.59 -13.38
N ALA A 55 -15.96 4.50 -12.98
CA ALA A 55 -16.32 4.29 -11.55
C ALA A 55 -15.13 3.95 -10.65
N PHE A 56 -14.17 3.19 -11.16
CA PHE A 56 -13.03 2.79 -10.31
C PHE A 56 -11.76 2.57 -11.13
N ALA A 57 -10.62 2.80 -10.49
CA ALA A 57 -9.31 2.39 -10.98
C ALA A 57 -8.95 1.09 -10.26
N PHE A 58 -8.42 0.12 -11.01
CA PHE A 58 -8.04 -1.20 -10.51
C PHE A 58 -6.53 -1.41 -10.71
N ILE A 59 -5.86 -1.71 -9.60
CA ILE A 59 -4.44 -2.00 -9.54
C ILE A 59 -4.31 -3.47 -9.26
N ALA A 60 -3.98 -4.22 -10.32
CA ALA A 60 -3.66 -5.63 -10.24
C ALA A 60 -2.30 -5.79 -9.58
N ASP A 61 -1.93 -7.00 -9.22
CA ASP A 61 -0.68 -7.19 -8.51
C ASP A 61 -0.02 -8.53 -8.75
N SER A 62 1.29 -8.57 -8.45
CA SER A 62 2.08 -9.79 -8.42
C SER A 62 3.14 -9.67 -7.34
N ALA A 63 3.68 -10.81 -6.91
CA ALA A 63 4.74 -10.81 -5.89
C ALA A 63 5.79 -11.88 -6.20
N TYR A 64 6.14 -12.00 -7.47
CA TYR A 64 7.10 -13.00 -7.94
C TYR A 64 7.70 -12.55 -9.25
N VAL A 65 9.02 -12.68 -9.34
CA VAL A 65 9.79 -12.22 -10.49
C VAL A 65 10.78 -13.27 -10.89
N THR A 66 10.96 -13.44 -12.20
CA THR A 66 12.10 -14.17 -12.77
C THR A 66 12.68 -13.32 -13.90
N PRO A 67 13.89 -13.65 -14.37
CA PRO A 67 14.44 -12.87 -15.50
C PRO A 67 13.60 -12.97 -16.80
N LYS A 68 12.63 -13.88 -16.86
CA LYS A 68 11.69 -13.97 -17.99
C LYS A 68 10.37 -13.22 -17.79
N SER A 69 10.18 -12.56 -16.64
CA SER A 69 8.91 -11.87 -16.38
C SER A 69 8.72 -10.72 -17.36
N ALA A 70 7.46 -10.40 -17.67
CA ALA A 70 7.14 -9.29 -18.56
C ALA A 70 7.49 -7.96 -17.86
N PRO A 71 7.79 -6.90 -18.64
CA PRO A 71 8.18 -5.63 -18.07
C PRO A 71 7.38 -5.16 -16.86
N HIS A 72 6.06 -5.21 -16.92
CA HIS A 72 5.25 -4.68 -15.80
C HIS A 72 5.42 -5.52 -14.51
N PHE A 73 5.64 -6.81 -14.68
CA PHE A 73 5.87 -7.72 -13.57
C PHE A 73 7.30 -7.57 -12.98
N LEU A 74 8.24 -7.05 -13.77
CA LEU A 74 9.62 -6.83 -13.29
C LEU A 74 9.70 -5.65 -12.31
N ASN A 75 8.82 -4.67 -12.46
CA ASN A 75 8.87 -3.46 -11.65
C ASN A 75 7.52 -2.75 -11.70
N ARG A 76 6.89 -2.68 -10.55
CA ARG A 76 5.57 -2.09 -10.39
C ARG A 76 5.46 -1.54 -8.98
N PHE A 77 4.45 -0.68 -8.78
CA PHE A 77 4.15 -0.17 -7.45
C PHE A 77 3.44 -1.24 -6.64
N GLU A 78 3.46 -1.08 -5.33
CA GLU A 78 2.67 -1.94 -4.45
C GLU A 78 1.29 -1.27 -4.24
N PRO A 79 0.18 -2.06 -4.20
CA PRO A 79 -1.15 -1.43 -4.31
C PRO A 79 -1.63 -0.55 -3.15
N ILE A 80 -1.39 -0.90 -1.89
CA ILE A 80 -1.89 -0.07 -0.77
C ILE A 80 -1.24 1.31 -0.83
N SER A 81 0.10 1.34 -0.96
CA SER A 81 0.82 2.59 -1.10
C SER A 81 0.35 3.39 -2.32
N LEU A 82 0.27 2.74 -3.49
CA LEU A 82 -0.13 3.46 -4.70
C LEU A 82 -1.54 4.04 -4.58
N LEU A 83 -2.47 3.22 -4.10
CA LEU A 83 -3.87 3.64 -4.04
C LEU A 83 -4.09 4.74 -3.00
N SER A 84 -3.30 4.72 -1.93
CA SER A 84 -3.43 5.69 -0.86
C SER A 84 -2.93 7.07 -1.35
N ALA A 85 -1.82 7.07 -2.08
CA ALA A 85 -1.31 8.28 -2.73
C ALA A 85 -2.31 8.82 -3.79
N LEU A 86 -2.88 7.92 -4.62
CA LEU A 86 -3.86 8.32 -5.63
C LEU A 86 -5.14 8.91 -5.02
N ALA A 87 -5.55 8.36 -3.87
CA ALA A 87 -6.80 8.77 -3.19
C ALA A 87 -6.84 10.27 -2.97
N VAL A 88 -5.68 10.80 -2.59
CA VAL A 88 -5.54 12.15 -2.11
C VAL A 88 -5.41 13.16 -3.30
N LEU A 89 -5.15 12.64 -4.49
CA LEU A 89 -5.06 13.45 -5.69
C LEU A 89 -6.29 13.25 -6.57
N THR A 90 -7.30 12.55 -6.07
CA THR A 90 -8.54 12.35 -6.78
C THR A 90 -9.65 12.66 -5.78
N SER A 91 -10.90 12.49 -6.17
CA SER A 91 -12.01 12.74 -5.26
C SER A 91 -13.18 11.74 -5.34
N LYS A 92 -13.45 11.15 -6.49
CA LYS A 92 -14.64 10.29 -6.67
C LYS A 92 -14.31 8.87 -7.06
N ILE A 93 -13.27 8.71 -7.88
CA ILE A 93 -13.01 7.42 -8.48
C ILE A 93 -12.67 6.35 -7.42
N GLY A 94 -13.22 5.16 -7.60
CA GLY A 94 -12.91 4.05 -6.70
C GLY A 94 -11.47 3.59 -6.83
N LEU A 95 -10.99 2.92 -5.79
CA LEU A 95 -9.57 2.58 -5.64
C LEU A 95 -9.50 1.13 -5.25
N VAL A 96 -9.31 0.28 -6.25
CA VAL A 96 -9.41 -1.16 -6.06
C VAL A 96 -8.02 -1.78 -6.21
N GLY A 97 -7.64 -2.55 -5.20
CA GLY A 97 -6.33 -3.15 -5.15
C GLY A 97 -6.29 -4.64 -4.90
N THR A 98 -5.44 -5.32 -5.65
CA THR A 98 -5.22 -6.74 -5.43
C THR A 98 -4.39 -7.02 -4.16
N MET A 99 -4.81 -8.02 -3.39
CA MET A 99 -3.97 -8.55 -2.33
C MET A 99 -4.32 -10.02 -2.09
N SER A 100 -3.28 -10.83 -1.91
CA SER A 100 -3.42 -12.27 -1.82
C SER A 100 -3.87 -12.73 -0.42
N SER A 101 -4.77 -13.70 -0.39
CA SER A 101 -5.21 -14.32 0.84
C SER A 101 -4.15 -15.20 1.45
N SER A 102 -3.28 -15.80 0.63
CA SER A 102 -2.31 -16.80 1.16
C SER A 102 -1.08 -16.15 1.76
N TYR A 103 -0.77 -14.93 1.35
CA TYR A 103 0.50 -14.31 1.73
C TYR A 103 0.34 -12.97 2.44
N SER A 104 -0.76 -12.85 3.18
CA SER A 104 -1.07 -11.65 3.96
C SER A 104 -1.75 -12.09 5.24
N GLU A 105 -1.47 -11.38 6.32
CA GLU A 105 -2.17 -11.64 7.58
C GLU A 105 -3.52 -10.90 7.53
N PRO A 106 -4.62 -11.61 7.84
CA PRO A 106 -5.92 -10.94 7.77
C PRO A 106 -6.02 -9.65 8.60
N TYR A 107 -5.38 -9.60 9.77
CA TYR A 107 -5.41 -8.38 10.57
C TYR A 107 -4.76 -7.21 9.82
N ASN A 108 -3.65 -7.47 9.14
CA ASN A 108 -2.96 -6.44 8.37
C ASN A 108 -3.78 -6.01 7.14
N VAL A 109 -4.36 -6.98 6.43
CA VAL A 109 -5.21 -6.68 5.29
C VAL A 109 -6.37 -5.80 5.71
N ALA A 110 -7.04 -6.19 6.79
CA ALA A 110 -8.16 -5.42 7.28
C ALA A 110 -7.77 -3.97 7.60
N ARG A 111 -6.65 -3.78 8.27
CA ARG A 111 -6.18 -2.43 8.65
C ARG A 111 -5.79 -1.61 7.45
N GLN A 112 -5.06 -2.21 6.52
CA GLN A 112 -4.52 -1.44 5.41
C GLN A 112 -5.63 -1.02 4.47
N PHE A 113 -6.53 -1.95 4.13
CA PHE A 113 -7.72 -1.58 3.35
C PHE A 113 -8.71 -0.65 4.08
N ALA A 114 -8.93 -0.85 5.39
CA ALA A 114 -9.80 0.07 6.18
C ALA A 114 -9.25 1.51 6.23
N SER A 115 -7.93 1.62 6.26
CA SER A 115 -7.26 2.91 6.34
C SER A 115 -7.35 3.62 4.99
N LEU A 116 -7.08 2.88 3.90
CA LEU A 116 -7.33 3.43 2.56
C LEU A 116 -8.79 3.89 2.42
N ASP A 117 -9.71 3.07 2.90
CA ASP A 117 -11.15 3.40 2.81
C ASP A 117 -11.49 4.64 3.58
N LEU A 118 -10.92 4.81 4.78
CA LEU A 118 -11.23 5.99 5.60
C LEU A 118 -10.58 7.26 5.00
N ILE A 119 -9.34 7.15 4.57
CA ILE A 119 -8.62 8.30 3.98
C ILE A 119 -9.34 8.79 2.73
N SER A 120 -9.85 7.83 1.95
CA SER A 120 -10.47 8.10 0.66
C SER A 120 -11.95 8.45 0.76
N GLY A 121 -12.54 8.41 1.95
CA GLY A 121 -13.97 8.73 2.09
C GLY A 121 -14.89 7.65 1.54
N GLY A 122 -14.47 6.41 1.62
CA GLY A 122 -15.31 5.27 1.25
C GLY A 122 -15.20 4.84 -0.19
N ARG A 123 -13.96 4.80 -0.72
CA ARG A 123 -13.75 4.44 -2.10
C ARG A 123 -12.87 3.21 -2.32
N ALA A 124 -12.54 2.49 -1.24
CA ALA A 124 -11.66 1.33 -1.36
C ALA A 124 -12.36 0.08 -1.90
N GLY A 125 -11.59 -0.74 -2.61
CA GLY A 125 -12.04 -2.08 -3.02
C GLY A 125 -10.88 -3.06 -2.86
N TRP A 126 -11.17 -4.31 -2.50
CA TRP A 126 -10.12 -5.32 -2.39
C TRP A 126 -10.43 -6.43 -3.37
N ASN A 127 -9.50 -6.66 -4.30
CA ASN A 127 -9.55 -7.79 -5.21
C ASN A 127 -8.89 -8.96 -4.52
N VAL A 128 -9.72 -9.89 -4.08
CA VAL A 128 -9.27 -11.08 -3.34
C VAL A 128 -8.72 -12.09 -4.34
N VAL A 129 -7.42 -12.35 -4.24
CA VAL A 129 -6.75 -13.29 -5.11
C VAL A 129 -6.53 -14.62 -4.39
N THR A 130 -7.14 -15.66 -4.94
CA THR A 130 -7.11 -17.04 -4.39
C THR A 130 -5.88 -17.81 -4.88
N SER A 131 -5.55 -17.68 -6.16
CA SER A 131 -4.34 -18.24 -6.76
C SER A 131 -3.35 -17.13 -7.05
N SER A 132 -2.07 -17.37 -6.75
CA SER A 132 -1.00 -16.47 -7.14
C SER A 132 -0.15 -17.14 -8.26
N ILE A 133 0.65 -16.34 -8.97
CA ILE A 133 1.62 -16.86 -9.96
C ILE A 133 2.38 -18.01 -9.34
N GLU A 134 2.58 -19.08 -10.11
CA GLU A 134 3.37 -20.21 -9.63
C GLU A 134 4.77 -19.73 -9.26
N GLY A 135 5.21 -20.08 -8.05
CA GLY A 135 6.50 -19.63 -7.51
C GLY A 135 6.41 -18.56 -6.43
N THR A 136 5.29 -17.83 -6.36
CA THR A 136 5.11 -16.77 -5.36
C THR A 136 5.44 -17.20 -3.95
N GLY A 137 5.02 -18.42 -3.60
CA GLY A 137 5.27 -18.99 -2.27
C GLY A 137 6.72 -19.03 -1.87
N LYS A 138 7.62 -19.05 -2.85
CA LYS A 138 9.05 -18.98 -2.62
C LYS A 138 9.52 -17.67 -1.98
N ASN A 139 8.69 -16.61 -2.07
CA ASN A 139 8.99 -15.35 -1.40
C ASN A 139 8.41 -15.22 0.01
N TYR A 140 7.79 -16.32 0.49
CA TYR A 140 7.07 -16.32 1.76
C TYR A 140 7.29 -17.60 2.57
N GLY A 141 8.38 -18.32 2.29
CA GLY A 141 8.72 -19.53 3.02
C GLY A 141 7.78 -20.70 2.79
N ARG A 142 7.08 -20.70 1.66
CA ARG A 142 6.13 -21.75 1.32
C ARG A 142 6.30 -22.10 -0.15
N PRO A 143 7.46 -22.69 -0.52
CA PRO A 143 7.79 -22.94 -1.91
C PRO A 143 6.87 -23.95 -2.65
N HIS A 144 6.08 -24.74 -1.90
CA HIS A 144 5.13 -25.69 -2.50
C HIS A 144 3.73 -25.60 -1.84
N PRO A 145 2.95 -24.55 -2.16
CA PRO A 145 1.59 -24.39 -1.62
C PRO A 145 0.66 -25.57 -1.93
N ASP A 146 -0.24 -25.88 -1.00
CA ASP A 146 -1.27 -26.91 -1.23
C ASP A 146 -2.42 -26.24 -1.97
N HIS A 147 -2.41 -26.37 -3.28
CA HIS A 147 -3.42 -25.74 -4.13
C HIS A 147 -4.84 -26.14 -3.74
N ALA A 148 -5.01 -27.36 -3.25
CA ALA A 148 -6.33 -27.89 -2.92
C ALA A 148 -7.03 -27.08 -1.82
N GLN A 149 -6.24 -26.39 -0.99
CA GLN A 149 -6.80 -25.62 0.13
C GLN A 149 -6.91 -24.14 -0.16
N ARG A 150 -6.52 -23.71 -1.36
CA ARG A 150 -6.43 -22.26 -1.63
C ARG A 150 -7.79 -21.55 -1.52
N TYR A 151 -8.89 -22.24 -1.84
CA TYR A 151 -10.23 -21.65 -1.69
C TYR A 151 -10.72 -21.61 -0.26
N ALA A 152 -10.50 -22.70 0.48
CA ALA A 152 -10.86 -22.76 1.90
C ALA A 152 -10.10 -21.65 2.67
N ILE A 153 -8.81 -21.52 2.39
CA ILE A 153 -7.98 -20.48 3.00
C ILE A 153 -8.54 -19.09 2.71
N ALA A 154 -8.86 -18.83 1.45
CA ALA A 154 -9.37 -17.55 1.00
C ALA A 154 -10.73 -17.22 1.62
N ALA A 155 -11.60 -18.22 1.75
CA ALA A 155 -12.91 -18.00 2.32
C ALA A 155 -12.80 -17.62 3.79
N GLU A 156 -12.00 -18.37 4.56
CA GLU A 156 -11.81 -18.07 5.98
C GLU A 156 -11.12 -16.71 6.20
N HIS A 157 -10.09 -16.45 5.40
CA HIS A 157 -9.35 -15.19 5.43
C HIS A 157 -10.29 -13.99 5.24
N LEU A 158 -11.14 -14.08 4.22
CA LEU A 158 -12.11 -13.05 3.93
C LEU A 158 -13.10 -12.86 5.08
N ASP A 159 -13.55 -13.98 5.64
CA ASP A 159 -14.50 -13.96 6.76
C ASP A 159 -13.88 -13.24 7.96
N VAL A 160 -12.59 -13.46 8.19
CA VAL A 160 -11.87 -12.78 9.25
C VAL A 160 -11.77 -11.26 8.97
N VAL A 161 -11.35 -10.90 7.76
CA VAL A 161 -11.24 -9.49 7.40
C VAL A 161 -12.57 -8.77 7.60
N GLN A 162 -13.65 -9.32 7.03
CA GLN A 162 -14.94 -8.70 7.15
C GLN A 162 -15.46 -8.65 8.59
N GLY A 163 -15.23 -9.70 9.39
CA GLY A 163 -15.49 -9.66 10.81
C GLY A 163 -14.75 -8.53 11.52
N LEU A 164 -13.47 -8.37 11.23
CA LEU A 164 -12.68 -7.27 11.82
C LEU A 164 -13.22 -5.91 11.43
N TRP A 165 -13.69 -5.80 10.18
CA TRP A 165 -14.26 -4.53 9.71
C TRP A 165 -15.55 -4.16 10.43
N ASP A 166 -16.18 -5.09 11.14
CA ASP A 166 -17.35 -4.74 11.94
C ASP A 166 -17.03 -4.55 13.43
N SER A 167 -15.76 -4.33 13.75
CA SER A 167 -15.32 -4.14 15.14
C SER A 167 -16.02 -2.95 15.79
N TRP A 168 -16.11 -1.86 15.04
CA TRP A 168 -16.58 -0.56 15.55
C TRP A 168 -17.91 -0.16 14.95
N ASP A 169 -18.99 -0.16 15.74
CA ASP A 169 -20.25 0.34 15.21
C ASP A 169 -20.05 1.74 14.64
N ASP A 170 -20.83 2.08 13.63
CA ASP A 170 -20.71 3.39 12.96
C ASP A 170 -20.83 4.57 13.94
N ASP A 171 -21.55 4.36 15.04
CA ASP A 171 -21.81 5.42 16.03
C ASP A 171 -21.07 5.21 17.37
N ALA A 172 -20.05 4.36 17.38
CA ALA A 172 -19.39 3.95 18.63
C ALA A 172 -18.54 5.06 19.22
N LEU A 173 -17.98 5.91 18.37
CA LEU A 173 -16.99 6.90 18.83
C LEU A 173 -17.70 8.20 19.23
N VAL A 174 -18.04 8.28 20.51
CA VAL A 174 -18.92 9.34 21.00
C VAL A 174 -18.14 10.66 21.20
N ARG A 175 -16.91 10.55 21.71
CA ARG A 175 -16.05 11.72 21.94
C ARG A 175 -16.78 12.87 22.65
N ASP A 176 -17.33 12.56 23.82
CA ASP A 176 -18.05 13.51 24.65
C ASP A 176 -17.07 14.28 25.56
N ARG A 177 -16.79 15.52 25.19
CA ARG A 177 -15.88 16.38 25.95
C ARG A 177 -16.45 16.88 27.27
N ALA A 178 -17.76 16.80 27.48
CA ALA A 178 -18.36 17.19 28.77
C ALA A 178 -18.10 16.14 29.84
N THR A 179 -18.39 14.87 29.51
CA THR A 179 -18.23 13.74 30.44
C THR A 179 -16.87 13.04 30.34
N GLY A 180 -16.17 13.20 29.23
CA GLY A 180 -14.91 12.51 28.99
C GLY A 180 -15.06 11.11 28.42
N ARG A 181 -16.27 10.70 28.09
CA ARG A 181 -16.51 9.37 27.52
C ARG A 181 -16.14 9.39 26.02
N PHE A 182 -15.09 8.65 25.67
CA PHE A 182 -14.57 8.66 24.31
C PHE A 182 -15.37 7.77 23.37
N PHE A 183 -15.79 6.60 23.85
CA PHE A 183 -16.58 5.67 23.06
C PHE A 183 -17.54 4.85 23.92
N ASP A 184 -18.55 4.26 23.29
CA ASP A 184 -19.51 3.38 23.96
C ASP A 184 -18.95 1.96 23.87
N PRO A 185 -18.61 1.35 25.03
CA PRO A 185 -17.95 0.03 25.03
C PRO A 185 -18.80 -1.08 24.43
N ASP A 186 -20.11 -0.94 24.53
CA ASP A 186 -21.03 -1.92 23.97
C ASP A 186 -21.16 -1.80 22.47
N LYS A 187 -20.51 -0.80 21.87
CA LYS A 187 -20.50 -0.65 20.40
C LYS A 187 -19.14 -1.01 19.76
N LEU A 188 -18.26 -1.64 20.54
CA LEU A 188 -16.98 -2.21 20.11
C LEU A 188 -17.05 -3.70 20.33
N HIS A 189 -16.68 -4.48 19.31
CA HIS A 189 -16.91 -5.92 19.32
C HIS A 189 -15.60 -6.66 19.11
N ARG A 190 -15.37 -7.67 19.95
CA ARG A 190 -14.30 -8.64 19.71
C ARG A 190 -14.74 -9.63 18.62
N LEU A 191 -13.80 -10.21 17.90
CA LEU A 191 -14.14 -11.20 16.89
C LEU A 191 -14.04 -12.63 17.45
N ASP A 192 -12.98 -12.92 18.18
CA ASP A 192 -12.77 -14.28 18.72
C ASP A 192 -12.87 -15.35 17.63
N HIS A 193 -12.28 -15.08 16.47
CA HIS A 193 -12.26 -16.08 15.41
C HIS A 193 -11.25 -17.18 15.74
N ARG A 194 -11.72 -18.43 15.69
CA ARG A 194 -10.87 -19.60 15.82
C ARG A 194 -11.28 -20.61 14.75
N GLY A 195 -10.51 -20.66 13.67
CA GLY A 195 -10.85 -21.49 12.53
C GLY A 195 -9.76 -22.47 12.20
N ARG A 196 -9.88 -23.16 11.08
CA ARG A 196 -8.87 -24.17 10.69
C ARG A 196 -7.54 -23.51 10.34
N PHE A 197 -7.58 -22.36 9.67
CA PHE A 197 -6.37 -21.69 9.19
C PHE A 197 -6.00 -20.43 9.96
N PHE A 198 -6.95 -19.76 10.61
CA PHE A 198 -6.61 -18.52 11.33
C PHE A 198 -7.18 -18.49 12.74
N SER A 199 -6.44 -17.84 13.63
CA SER A 199 -6.91 -17.50 14.97
CA SER A 199 -6.91 -17.49 14.97
C SER A 199 -6.64 -16.01 15.22
N VAL A 200 -7.72 -15.23 15.30
CA VAL A 200 -7.65 -13.76 15.39
C VAL A 200 -8.73 -13.22 16.35
N GLU A 201 -8.29 -12.62 17.45
CA GLU A 201 -9.21 -12.18 18.50
C GLU A 201 -9.92 -10.88 18.14
N GLY A 202 -9.17 -9.93 17.56
CA GLY A 202 -9.69 -8.58 17.37
C GLY A 202 -9.81 -7.90 18.71
N PRO A 203 -10.45 -6.71 18.77
CA PRO A 203 -11.03 -5.98 17.69
C PRO A 203 -9.98 -5.31 16.81
N LEU A 204 -10.43 -4.81 15.67
CA LEU A 204 -9.62 -3.94 14.82
C LEU A 204 -9.46 -2.57 15.48
N ASN A 205 -8.35 -1.88 15.16
CA ASN A 205 -8.05 -0.56 15.71
C ASN A 205 -8.29 0.60 14.73
N ILE A 206 -9.27 0.41 13.85
CA ILE A 206 -9.73 1.48 12.98
C ILE A 206 -11.22 1.28 12.68
N ARG A 207 -11.91 2.39 12.51
CA ARG A 207 -13.37 2.40 12.35
C ARG A 207 -13.79 2.05 10.91
N ARG A 208 -15.11 2.09 10.69
CA ARG A 208 -15.72 1.80 9.39
C ARG A 208 -15.79 3.09 8.55
N SER A 209 -15.83 2.96 7.23
CA SER A 209 -15.82 4.08 6.28
C SER A 209 -17.22 4.59 5.95
N PRO A 210 -17.30 5.64 5.13
CA PRO A 210 -18.63 6.05 4.70
C PRO A 210 -19.35 5.07 3.77
N GLN A 211 -18.68 4.00 3.30
CA GLN A 211 -19.42 2.95 2.56
C GLN A 211 -19.56 1.65 3.37
N GLY A 212 -19.16 1.71 4.64
CA GLY A 212 -19.33 0.59 5.59
C GLY A 212 -18.09 -0.28 5.64
N GLN A 213 -17.85 -0.95 4.52
CA GLN A 213 -16.66 -1.75 4.30
C GLN A 213 -16.22 -1.61 2.85
N PRO A 214 -14.94 -1.91 2.57
CA PRO A 214 -14.50 -1.90 1.21
C PRO A 214 -15.23 -2.93 0.36
N VAL A 215 -15.37 -2.65 -0.93
CA VAL A 215 -16.03 -3.53 -1.89
C VAL A 215 -15.14 -4.74 -2.26
N ILE A 216 -15.73 -5.93 -2.27
CA ILE A 216 -14.98 -7.14 -2.58
C ILE A 216 -15.12 -7.47 -4.07
N PHE A 217 -13.96 -7.52 -4.73
CA PHE A 217 -13.82 -7.96 -6.10
C PHE A 217 -13.19 -9.36 -6.09
N GLN A 218 -13.60 -10.19 -7.04
CA GLN A 218 -12.96 -11.49 -7.22
C GLN A 218 -12.95 -11.87 -8.69
N ALA A 219 -12.08 -12.79 -9.07
CA ALA A 219 -12.03 -13.24 -10.48
C ALA A 219 -11.95 -14.76 -10.63
N GLY A 220 -12.52 -15.50 -9.69
CA GLY A 220 -12.50 -16.96 -9.80
C GLY A 220 -13.19 -17.42 -11.10
N SER A 221 -12.62 -18.44 -11.73
CA SER A 221 -13.08 -18.94 -13.01
C SER A 221 -13.33 -20.44 -12.98
N SER A 222 -12.63 -21.13 -12.08
CA SER A 222 -12.92 -22.54 -11.78
C SER A 222 -14.27 -22.69 -11.12
N ASP A 223 -14.69 -23.93 -10.95
CA ASP A 223 -15.94 -24.25 -10.28
C ASP A 223 -15.90 -23.66 -8.87
N ASP A 224 -14.83 -23.92 -8.11
CA ASP A 224 -14.71 -23.38 -6.75
C ASP A 224 -14.63 -21.85 -6.77
N GLY A 225 -13.90 -21.30 -7.74
CA GLY A 225 -13.78 -19.85 -7.90
C GLY A 225 -15.13 -19.17 -8.04
N ILE A 226 -15.97 -19.71 -8.91
CA ILE A 226 -17.30 -19.15 -9.16
C ILE A 226 -18.16 -19.22 -7.91
N ASP A 227 -18.08 -20.35 -7.21
CA ASP A 227 -18.83 -20.52 -5.99
C ASP A 227 -18.39 -19.54 -4.89
N LEU A 228 -17.09 -19.36 -4.73
CA LEU A 228 -16.63 -18.37 -3.77
C LEU A 228 -17.15 -17.00 -4.16
N ALA A 229 -17.12 -16.66 -5.45
CA ALA A 229 -17.60 -15.34 -5.91
C ALA A 229 -19.07 -15.14 -5.56
N GLY A 230 -19.89 -16.15 -5.84
CA GLY A 230 -21.33 -16.14 -5.51
C GLY A 230 -21.61 -15.97 -4.03
N ARG A 231 -20.79 -16.60 -3.18
CA ARG A 231 -20.97 -16.52 -1.74
C ARG A 231 -20.43 -15.24 -1.12
N SER A 232 -19.48 -14.56 -1.79
CA SER A 232 -18.73 -13.49 -1.10
C SER A 232 -18.30 -12.26 -1.93
N ALA A 233 -18.45 -12.28 -3.25
CA ALA A 233 -18.03 -11.10 -4.03
C ALA A 233 -19.14 -10.08 -4.22
N ASP A 234 -18.77 -8.80 -4.27
CA ASP A 234 -19.67 -7.71 -4.69
C ASP A 234 -19.56 -7.49 -6.20
N ALA A 235 -18.40 -7.80 -6.76
CA ALA A 235 -18.12 -7.57 -8.17
C ALA A 235 -17.13 -8.64 -8.62
N VAL A 236 -17.34 -9.16 -9.82
CA VAL A 236 -16.58 -10.25 -10.33
C VAL A 236 -16.12 -9.89 -11.71
N PHE A 237 -14.86 -10.13 -11.99
CA PHE A 237 -14.38 -9.90 -13.32
C PHE A 237 -13.78 -11.14 -13.98
N SER A 238 -13.42 -10.98 -15.25
CA SER A 238 -12.74 -12.01 -16.02
C SER A 238 -11.79 -11.38 -17.02
N ASN A 239 -11.02 -12.22 -17.71
CA ASN A 239 -10.26 -11.79 -18.89
C ASN A 239 -10.23 -12.89 -19.96
N GLY A 240 -10.30 -12.49 -21.23
CA GLY A 240 -10.12 -13.41 -22.36
C GLY A 240 -11.36 -14.12 -22.86
N SER A 241 -12.52 -13.83 -22.28
CA SER A 241 -13.72 -14.58 -22.66
C SER A 241 -14.27 -14.08 -23.99
N THR A 242 -14.77 -15.02 -24.79
CA THR A 242 -15.66 -14.70 -25.91
C THR A 242 -17.00 -14.29 -25.31
N PHE A 243 -17.89 -13.77 -26.15
CA PHE A 243 -19.26 -13.44 -25.71
C PHE A 243 -19.98 -14.66 -25.09
N ASP A 244 -19.96 -15.79 -25.78
CA ASP A 244 -20.67 -16.99 -25.30
C ASP A 244 -20.14 -17.46 -23.95
N GLU A 245 -18.82 -17.43 -23.81
CA GLU A 245 -18.18 -17.74 -22.54
C GLU A 245 -18.58 -16.79 -21.42
N ALA A 246 -18.59 -15.50 -21.74
CA ALA A 246 -18.96 -14.46 -20.76
C ALA A 246 -20.40 -14.61 -20.31
N ARG A 247 -21.26 -14.97 -21.24
CA ARG A 247 -22.65 -15.15 -20.92
C ARG A 247 -22.85 -16.35 -19.98
N VAL A 248 -22.12 -17.44 -20.22
CA VAL A 248 -22.18 -18.59 -19.31
C VAL A 248 -21.64 -18.20 -17.94
N PHE A 249 -20.52 -17.50 -17.92
CA PHE A 249 -19.93 -17.05 -16.68
C PHE A 249 -20.90 -16.17 -15.90
N TYR A 250 -21.51 -15.21 -16.60
CA TYR A 250 -22.47 -14.30 -15.98
C TYR A 250 -23.59 -15.10 -15.30
N ARG A 251 -24.16 -16.07 -16.00
CA ARG A 251 -25.27 -16.89 -15.50
C ARG A 251 -24.87 -17.74 -14.30
N ARG A 252 -23.67 -18.30 -14.33
CA ARG A 252 -23.18 -19.12 -13.22
C ARG A 252 -22.93 -18.31 -11.95
N VAL A 253 -22.34 -17.12 -12.11
CA VAL A 253 -22.04 -16.26 -10.96
C VAL A 253 -23.34 -15.79 -10.30
N LYS A 254 -24.30 -15.38 -11.11
CA LYS A 254 -25.59 -14.95 -10.58
C LYS A 254 -26.32 -16.09 -9.88
N ALA A 255 -26.34 -17.29 -10.48
CA ALA A 255 -26.98 -18.45 -9.81
C ALA A 255 -26.25 -18.82 -8.53
N ALA A 256 -24.93 -18.76 -8.55
CA ALA A 256 -24.14 -19.05 -7.35
C ALA A 256 -24.52 -18.06 -6.24
N ALA A 257 -24.73 -16.79 -6.58
CA ALA A 257 -25.19 -15.78 -5.62
C ALA A 257 -26.58 -16.12 -5.03
N ALA A 258 -27.49 -16.48 -5.93
CA ALA A 258 -28.85 -16.86 -5.55
C ALA A 258 -28.84 -18.11 -4.66
N ALA A 259 -28.03 -19.11 -5.00
CA ALA A 259 -27.86 -20.34 -4.16
C ALA A 259 -27.28 -20.06 -2.75
N ALA A 260 -26.46 -19.01 -2.63
CA ALA A 260 -25.94 -18.62 -1.32
C ALA A 260 -26.90 -17.74 -0.52
N GLY A 261 -28.11 -17.50 -1.04
CA GLY A 261 -29.10 -16.67 -0.37
C GLY A 261 -28.83 -15.17 -0.52
N ARG A 262 -28.01 -14.81 -1.50
CA ARG A 262 -27.73 -13.40 -1.74
C ARG A 262 -28.57 -12.88 -2.90
N ASN A 263 -28.66 -11.57 -3.01
CA ASN A 263 -29.41 -10.94 -4.10
C ASN A 263 -28.43 -10.74 -5.26
N PRO A 264 -28.66 -11.48 -6.39
CA PRO A 264 -27.70 -11.42 -7.50
C PRO A 264 -27.62 -10.07 -8.20
N ASP A 265 -28.65 -9.24 -8.00
CA ASP A 265 -28.69 -7.87 -8.49
C ASP A 265 -27.49 -7.07 -7.94
N HIS A 266 -26.97 -7.45 -6.78
CA HIS A 266 -25.86 -6.72 -6.15
C HIS A 266 -24.54 -7.46 -6.28
N VAL A 267 -24.47 -8.41 -7.20
CA VAL A 267 -23.18 -9.02 -7.55
C VAL A 267 -22.92 -8.65 -8.97
N LYS A 268 -22.06 -7.65 -9.16
CA LYS A 268 -21.81 -7.08 -10.47
C LYS A 268 -20.81 -7.94 -11.27
N VAL A 269 -21.10 -8.16 -12.54
CA VAL A 269 -20.19 -8.93 -13.39
C VAL A 269 -19.58 -8.02 -14.46
N PHE A 270 -18.25 -7.93 -14.47
CA PHE A 270 -17.48 -6.99 -15.30
C PHE A 270 -16.42 -7.73 -16.14
N PRO A 271 -16.79 -8.19 -17.33
CA PRO A 271 -15.73 -8.84 -18.12
C PRO A 271 -14.71 -7.82 -18.58
N GLY A 272 -13.49 -8.28 -18.74
CA GLY A 272 -12.39 -7.50 -19.26
C GLY A 272 -12.39 -7.41 -20.75
N ILE A 273 -12.19 -6.19 -21.26
CA ILE A 273 -12.14 -5.95 -22.68
C ILE A 273 -11.08 -4.90 -22.93
N GLY A 274 -10.55 -4.92 -24.15
CA GLY A 274 -9.49 -4.02 -24.60
C GLY A 274 -9.79 -3.42 -25.96
N PRO A 275 -10.77 -2.52 -26.02
CA PRO A 275 -11.19 -1.96 -27.31
C PRO A 275 -10.17 -1.04 -27.98
N ILE A 276 -10.14 -1.06 -29.30
CA ILE A 276 -9.30 -0.19 -30.09
C ILE A 276 -10.18 0.51 -31.13
N VAL A 277 -10.23 1.83 -31.08
CA VAL A 277 -11.19 2.58 -31.89
C VAL A 277 -10.46 3.56 -32.81
N GLY A 278 -11.10 3.82 -33.94
CA GLY A 278 -10.67 4.81 -34.91
C GLY A 278 -11.91 5.32 -35.62
N ALA A 279 -11.78 6.40 -36.38
CA ALA A 279 -12.94 7.04 -37.01
C ALA A 279 -13.48 6.18 -38.13
N THR A 280 -12.60 5.40 -38.73
CA THR A 280 -12.94 4.45 -39.75
C THR A 280 -12.40 3.11 -39.28
N GLN A 281 -12.90 2.02 -39.84
CA GLN A 281 -12.31 0.72 -39.63
C GLN A 281 -10.80 0.72 -39.98
N GLN A 282 -10.43 1.43 -41.06
CA GLN A 282 -9.03 1.47 -41.51
C GLN A 282 -8.11 2.01 -40.42
N GLU A 283 -8.57 3.08 -39.76
CA GLU A 283 -7.83 3.78 -38.72
C GLU A 283 -7.71 2.92 -37.44
N ALA A 284 -8.83 2.28 -37.05
CA ALA A 284 -8.83 1.29 -35.99
C ALA A 284 -7.83 0.16 -36.27
N ASP A 285 -7.88 -0.35 -37.49
CA ASP A 285 -7.01 -1.45 -37.91
C ASP A 285 -5.52 -1.03 -37.90
N ASP A 286 -5.24 0.23 -38.24
CA ASP A 286 -3.88 0.75 -38.24
C ASP A 286 -3.37 0.78 -36.79
N LYS A 287 -4.24 1.18 -35.87
CA LYS A 287 -3.86 1.25 -34.46
C LYS A 287 -3.62 -0.15 -33.93
N TYR A 288 -4.45 -1.08 -34.35
CA TYR A 288 -4.29 -2.46 -33.96
C TYR A 288 -2.95 -3.02 -34.47
N ARG A 289 -2.60 -2.68 -35.70
CA ARG A 289 -1.28 -3.10 -36.23
C ARG A 289 -0.13 -2.51 -35.40
N GLN A 290 -0.28 -1.27 -34.93
CA GLN A 290 0.72 -0.64 -34.06
C GLN A 290 0.88 -1.48 -32.80
N VAL A 291 -0.23 -1.78 -32.17
CA VAL A 291 -0.23 -2.59 -30.97
C VAL A 291 0.45 -3.93 -31.24
N ARG A 292 0.07 -4.61 -32.33
CA ARG A 292 0.70 -5.84 -32.76
C ARG A 292 2.22 -5.68 -32.83
N ASP A 293 2.70 -4.61 -33.46
CA ASP A 293 4.13 -4.45 -33.72
C ASP A 293 4.97 -4.05 -32.49
N LEU A 294 4.33 -3.93 -31.34
CA LEU A 294 5.02 -3.78 -30.06
C LEU A 294 5.85 -5.03 -29.74
N LEU A 295 5.38 -6.18 -30.22
CA LEU A 295 6.20 -7.40 -30.24
C LEU A 295 7.05 -7.37 -31.51
N SER A 296 8.38 -7.43 -31.37
CA SER A 296 9.27 -7.52 -32.54
C SER A 296 9.11 -8.91 -33.21
N PRO A 297 9.52 -9.05 -34.47
CA PRO A 297 9.50 -10.37 -35.10
C PRO A 297 10.24 -11.46 -34.31
N ARG A 298 11.42 -11.13 -33.81
CA ARG A 298 12.17 -12.07 -32.99
C ARG A 298 11.38 -12.58 -31.78
N GLU A 299 10.66 -11.67 -31.11
CA GLU A 299 9.92 -12.03 -29.91
C GLU A 299 8.74 -12.91 -30.27
N ALA A 300 8.05 -12.56 -31.36
CA ALA A 300 7.03 -13.43 -31.91
C ALA A 300 7.57 -14.84 -32.19
N LEU A 301 8.71 -14.94 -32.84
CA LEU A 301 9.33 -16.27 -33.13
C LEU A 301 9.83 -17.05 -31.88
N ALA A 302 10.41 -16.35 -30.91
CA ALA A 302 10.94 -17.01 -29.70
C ALA A 302 9.81 -17.71 -28.96
N TYR A 303 8.64 -17.10 -28.99
CA TYR A 303 7.47 -17.67 -28.37
C TYR A 303 6.86 -18.82 -29.18
N LEU A 304 6.92 -18.76 -30.51
CA LEU A 304 6.59 -19.93 -31.33
C LEU A 304 7.53 -21.11 -31.06
N SER A 305 8.81 -20.79 -30.91
CA SER A 305 9.87 -21.78 -30.62
C SER A 305 9.51 -22.61 -29.36
N HIS A 306 8.91 -21.96 -28.38
CA HIS A 306 8.43 -22.59 -27.14
C HIS A 306 7.55 -23.84 -27.38
N PHE A 307 6.70 -23.78 -28.40
CA PHE A 307 5.76 -24.84 -28.65
C PHE A 307 6.35 -25.98 -29.47
N PHE A 308 7.50 -25.75 -30.09
CA PHE A 308 8.12 -26.74 -30.98
C PHE A 308 9.51 -27.17 -30.50
N GLN A 309 9.64 -27.43 -29.20
CA GLN A 309 10.88 -27.92 -28.59
C GLN A 309 12.10 -27.05 -28.96
N GLN A 310 11.91 -25.73 -28.88
CA GLN A 310 12.94 -24.73 -29.16
C GLN A 310 13.51 -24.73 -30.58
N HIS A 311 12.67 -25.08 -31.53
CA HIS A 311 13.02 -24.98 -32.93
C HIS A 311 13.41 -23.53 -33.26
N ASP A 312 14.45 -23.37 -34.07
CA ASP A 312 14.96 -22.06 -34.43
C ASP A 312 14.30 -21.59 -35.71
N PHE A 313 13.21 -20.84 -35.53
CA PHE A 313 12.41 -20.34 -36.64
C PHE A 313 13.07 -19.14 -37.33
N SER A 314 14.14 -18.60 -36.72
CA SER A 314 14.85 -17.44 -37.28
C SER A 314 15.52 -17.77 -38.63
N VAL A 315 15.74 -19.04 -38.92
CA VAL A 315 16.32 -19.43 -40.22
C VAL A 315 15.40 -19.21 -41.44
N TYR A 316 14.09 -19.09 -41.23
CA TYR A 316 13.14 -19.05 -42.34
C TYR A 316 12.83 -17.63 -42.76
N PRO A 317 12.51 -17.42 -44.05
CA PRO A 317 12.04 -16.08 -44.44
C PRO A 317 10.71 -15.74 -43.76
N LEU A 318 10.64 -14.57 -43.14
CA LEU A 318 9.45 -14.15 -42.39
C LEU A 318 8.20 -14.11 -43.26
N ASP A 319 8.36 -13.63 -44.49
CA ASP A 319 7.23 -13.42 -45.38
C ASP A 319 7.10 -14.55 -46.38
N GLY A 320 7.85 -15.63 -46.18
CA GLY A 320 7.60 -16.87 -46.92
C GLY A 320 6.51 -17.67 -46.24
N PRO A 321 6.05 -18.77 -46.88
CA PRO A 321 5.05 -19.64 -46.26
C PRO A 321 5.50 -20.16 -44.90
N PHE A 322 4.55 -20.45 -44.02
CA PHE A 322 4.90 -21.10 -42.76
C PHE A 322 5.49 -22.43 -43.14
N PRO A 323 6.64 -22.80 -42.56
CA PRO A 323 7.32 -24.02 -43.04
C PRO A 323 6.67 -25.34 -42.62
N ASP A 324 6.93 -26.39 -43.38
CA ASP A 324 6.44 -27.73 -43.07
C ASP A 324 7.31 -28.26 -41.92
N ILE A 325 6.82 -28.05 -40.70
CA ILE A 325 7.53 -28.48 -39.50
C ILE A 325 6.80 -29.64 -38.85
N GLY A 326 5.95 -30.32 -39.62
CA GLY A 326 5.12 -31.44 -39.15
C GLY A 326 5.86 -32.57 -38.43
N THR A 327 7.12 -32.80 -38.82
CA THR A 327 7.97 -33.81 -38.15
C THR A 327 8.37 -33.40 -36.72
N LEU A 328 8.42 -32.11 -36.45
CA LEU A 328 8.85 -31.63 -35.12
C LEU A 328 7.86 -32.04 -34.02
N GLY A 329 8.39 -32.41 -32.87
CA GLY A 329 7.58 -32.69 -31.69
C GLY A 329 7.27 -31.43 -30.88
N SER A 330 6.72 -31.63 -29.68
CA SER A 330 6.37 -30.56 -28.75
C SER A 330 6.52 -31.08 -27.30
N ASP A 331 6.80 -30.17 -26.37
CA ASP A 331 6.93 -30.51 -24.96
C ASP A 331 5.55 -30.47 -24.28
N GLY A 332 4.67 -31.40 -24.66
CA GLY A 332 3.32 -31.46 -24.08
C GLY A 332 2.32 -30.44 -24.61
N PHE A 333 2.72 -29.66 -25.63
CA PHE A 333 1.82 -28.70 -26.23
C PHE A 333 1.33 -29.16 -27.60
N GLN A 334 1.26 -30.48 -27.82
CA GLN A 334 0.91 -31.00 -29.15
C GLN A 334 -0.44 -30.49 -29.67
N SER A 335 -1.39 -30.27 -28.78
CA SER A 335 -2.69 -29.73 -29.20
C SER A 335 -2.57 -28.30 -29.72
N THR A 336 -1.67 -27.52 -29.09
CA THR A 336 -1.42 -26.16 -29.54
C THR A 336 -0.67 -26.18 -30.86
N THR A 337 0.30 -27.07 -31.02
CA THR A 337 1.02 -27.13 -32.28
C THR A 337 0.07 -27.57 -33.40
N ASP A 338 -0.86 -28.47 -33.07
CA ASP A 338 -1.92 -28.84 -34.03
C ASP A 338 -2.76 -27.62 -34.42
N ASN A 339 -3.13 -26.80 -33.44
CA ASN A 339 -3.93 -25.60 -33.75
C ASN A 339 -3.15 -24.68 -34.70
N ILE A 340 -1.86 -24.52 -34.42
CA ILE A 340 -1.01 -23.65 -35.20
C ILE A 340 -0.91 -24.16 -36.66
N LYS A 341 -0.62 -25.44 -36.82
CA LYS A 341 -0.50 -26.03 -38.16
C LYS A 341 -1.83 -26.01 -38.94
N ARG A 342 -2.94 -26.23 -38.25
CA ARG A 342 -4.26 -26.18 -38.91
C ARG A 342 -4.51 -24.78 -39.46
N LEU A 343 -4.26 -23.77 -38.62
CA LEU A 343 -4.41 -22.37 -39.01
C LEU A 343 -3.57 -22.06 -40.26
N ALA A 344 -2.29 -22.41 -40.19
CA ALA A 344 -1.35 -22.18 -41.30
C ALA A 344 -1.80 -22.84 -42.61
N ARG A 345 -2.39 -24.02 -42.50
CA ARG A 345 -2.83 -24.81 -43.66
C ARG A 345 -4.16 -24.30 -44.22
N GLU A 346 -5.07 -23.88 -43.34
CA GLU A 346 -6.42 -23.49 -43.77
C GLU A 346 -6.45 -22.06 -44.29
N ARG A 347 -5.56 -21.23 -43.74
CA ARG A 347 -5.35 -19.88 -44.21
C ARG A 347 -3.95 -19.90 -44.82
N LYS A 348 -3.73 -19.27 -45.96
CA LYS A 348 -2.42 -19.40 -46.59
C LYS A 348 -1.43 -18.43 -45.92
N LEU A 349 -1.07 -18.73 -44.67
CA LEU A 349 -0.34 -17.76 -43.84
C LEU A 349 1.17 -17.86 -44.00
N THR A 350 1.82 -16.71 -43.92
CA THR A 350 3.27 -16.63 -43.89
C THR A 350 3.73 -16.94 -42.46
N LEU A 351 5.04 -17.13 -42.29
CA LEU A 351 5.63 -17.36 -40.97
C LEU A 351 5.35 -16.16 -40.05
N ARG A 352 5.48 -14.95 -40.59
CA ARG A 352 5.23 -13.73 -39.82
C ARG A 352 3.79 -13.71 -39.34
N GLU A 353 2.84 -14.02 -40.23
CA GLU A 353 1.41 -13.99 -39.89
C GLU A 353 1.10 -15.06 -38.84
N VAL A 354 1.69 -16.24 -38.99
CA VAL A 354 1.50 -17.28 -37.97
C VAL A 354 2.06 -16.84 -36.63
N ALA A 355 3.29 -16.30 -36.62
CA ALA A 355 3.97 -15.95 -35.37
C ALA A 355 3.16 -14.90 -34.60
N TYR A 356 2.64 -13.92 -35.32
CA TYR A 356 1.89 -12.82 -34.71
C TYR A 356 0.48 -13.25 -34.32
N GLU A 357 -0.17 -14.08 -35.15
CA GLU A 357 -1.46 -14.71 -34.78
C GLU A 357 -1.40 -15.34 -33.39
N VAL A 358 -0.38 -16.17 -33.21
CA VAL A 358 -0.11 -16.80 -31.94
C VAL A 358 0.16 -15.69 -30.93
N SER A 359 1.29 -14.99 -31.10
CA SER A 359 1.68 -13.86 -30.24
C SER A 359 0.54 -12.87 -29.91
N THR A 360 0.09 -12.09 -30.92
CA THR A 360 -0.91 -11.01 -30.74
C THR A 360 -2.19 -11.42 -30.03
N ARG A 361 -2.70 -12.60 -30.36
CA ARG A 361 -3.84 -13.17 -29.65
C ARG A 361 -3.50 -13.28 -28.17
N ARG A 362 -2.38 -13.94 -27.88
CA ARG A 362 -2.01 -14.27 -26.51
C ARG A 362 -1.53 -13.06 -25.71
N SER A 363 -0.96 -12.08 -26.41
CA SER A 363 -0.46 -10.85 -25.79
C SER A 363 -1.56 -9.80 -25.52
N ASN A 364 -2.72 -9.96 -26.17
CA ASN A 364 -3.88 -9.08 -25.93
C ASN A 364 -5.17 -9.94 -25.83
N ILE A 365 -5.39 -10.61 -24.68
CA ILE A 365 -6.46 -11.63 -24.61
C ILE A 365 -7.87 -11.04 -24.57
N GLY A 366 -8.02 -9.80 -24.12
CA GLY A 366 -9.33 -9.12 -24.11
C GLY A 366 -9.64 -8.32 -25.38
N THR A 367 -8.77 -8.45 -26.38
CA THR A 367 -8.95 -7.74 -27.66
C THR A 367 -9.39 -8.77 -28.71
N SER A 368 -10.65 -8.68 -29.13
CA SER A 368 -11.20 -9.46 -30.24
C SER A 368 -11.67 -8.45 -31.27
N GLU A 369 -11.93 -8.91 -32.48
CA GLU A 369 -12.15 -7.98 -33.60
C GLU A 369 -13.48 -7.24 -33.47
N ALA A 370 -14.43 -7.82 -32.75
CA ALA A 370 -15.71 -7.13 -32.46
C ALA A 370 -15.51 -5.85 -31.64
N PHE A 371 -14.42 -5.76 -30.86
CA PHE A 371 -14.09 -4.54 -30.11
C PHE A 371 -13.00 -3.67 -30.80
N ILE A 372 -12.79 -3.89 -32.10
CA ILE A 372 -11.87 -3.09 -32.92
C ILE A 372 -12.64 -2.48 -34.09
N GLY A 373 -12.78 -1.16 -34.09
CA GLY A 373 -13.53 -0.47 -35.15
C GLY A 373 -13.93 0.93 -34.76
N THR A 374 -15.03 1.42 -35.32
CA THR A 374 -15.49 2.78 -35.06
C THR A 374 -16.12 2.90 -33.68
N PRO A 375 -16.15 4.12 -33.14
CA PRO A 375 -16.85 4.31 -31.87
C PRO A 375 -18.27 3.74 -31.83
N GLU A 376 -19.07 3.95 -32.87
CA GLU A 376 -20.44 3.43 -32.88
C GLU A 376 -20.44 1.92 -32.87
N ALA A 377 -19.60 1.30 -33.70
CA ALA A 377 -19.58 -0.18 -33.78
C ALA A 377 -19.13 -0.79 -32.46
N VAL A 378 -18.09 -0.21 -31.85
CA VAL A 378 -17.58 -0.71 -30.59
C VAL A 378 -18.59 -0.52 -29.46
N ALA A 379 -19.27 0.63 -29.45
CA ALA A 379 -20.35 0.87 -28.48
C ALA A 379 -21.51 -0.13 -28.66
N SER A 380 -21.87 -0.42 -29.91
CA SER A 380 -22.91 -1.37 -30.22
C SER A 380 -22.60 -2.77 -29.64
N GLU A 381 -21.33 -3.18 -29.71
CA GLU A 381 -20.92 -4.49 -29.18
C GLU A 381 -20.98 -4.50 -27.64
N MET A 382 -20.54 -3.43 -27.00
CA MET A 382 -20.68 -3.30 -25.55
C MET A 382 -22.14 -3.36 -25.14
N ILE A 383 -22.99 -2.65 -25.88
CA ILE A 383 -24.43 -2.65 -25.63
C ILE A 383 -24.97 -4.05 -25.79
N ARG A 384 -24.50 -4.76 -26.81
CA ARG A 384 -24.93 -6.13 -27.04
C ARG A 384 -24.60 -7.03 -25.84
N TRP A 385 -23.37 -6.93 -25.33
CA TRP A 385 -22.95 -7.74 -24.18
C TRP A 385 -23.84 -7.49 -22.96
N VAL A 386 -24.21 -6.23 -22.76
CA VAL A 386 -25.05 -5.85 -21.60
C VAL A 386 -26.52 -6.25 -21.85
N ASP A 387 -27.06 -5.95 -23.02
CA ASP A 387 -28.44 -6.36 -23.37
C ASP A 387 -28.66 -7.86 -23.22
N GLU A 388 -27.65 -8.65 -23.61
CA GLU A 388 -27.84 -10.08 -23.75
C GLU A 388 -27.35 -10.86 -22.54
N GLY A 389 -26.96 -10.17 -21.49
CA GLY A 389 -26.62 -10.84 -20.22
C GLY A 389 -25.22 -11.40 -20.11
N ALA A 390 -24.23 -10.72 -20.68
CA ALA A 390 -22.83 -11.12 -20.50
C ALA A 390 -22.08 -10.15 -19.59
N ALA A 391 -22.69 -9.01 -19.27
CA ALA A 391 -21.98 -7.95 -18.53
C ALA A 391 -22.97 -7.00 -17.86
N ASP A 392 -22.61 -6.51 -16.67
CA ASP A 392 -23.28 -5.38 -16.01
C ASP A 392 -22.44 -4.10 -16.19
N GLY A 393 -21.24 -4.30 -16.72
CA GLY A 393 -20.24 -3.27 -16.86
C GLY A 393 -19.00 -3.92 -17.40
N PHE A 394 -17.93 -3.15 -17.58
CA PHE A 394 -16.70 -3.68 -18.14
C PHE A 394 -15.46 -3.23 -17.37
N MET A 395 -14.48 -4.12 -17.28
CA MET A 395 -13.14 -3.79 -16.81
C MET A 395 -12.28 -3.46 -18.03
N LEU A 396 -11.89 -2.20 -18.18
CA LEU A 396 -11.09 -1.78 -19.33
C LEU A 396 -9.64 -2.14 -19.09
N GLY A 397 -9.11 -3.02 -19.95
CA GLY A 397 -7.70 -3.41 -19.94
C GLY A 397 -7.10 -3.01 -21.25
N LEU A 398 -6.73 -1.73 -21.38
CA LEU A 398 -6.35 -1.20 -22.69
C LEU A 398 -4.92 -1.61 -23.03
N PRO A 399 -4.69 -2.03 -24.28
CA PRO A 399 -3.37 -2.50 -24.65
C PRO A 399 -2.25 -1.49 -24.30
N VAL A 400 -2.50 -0.21 -24.53
CA VAL A 400 -1.58 0.87 -24.18
C VAL A 400 -2.42 1.91 -23.41
N THR A 401 -2.03 2.18 -22.16
CA THR A 401 -2.81 3.01 -21.24
C THR A 401 -2.91 4.49 -21.69
N GLY A 402 -1.92 4.94 -22.47
CA GLY A 402 -1.92 6.28 -23.07
C GLY A 402 -3.03 6.48 -24.07
N PHE A 403 -2.76 6.21 -25.34
CA PHE A 403 -3.77 6.48 -26.39
C PHE A 403 -5.01 5.62 -26.20
N GLY A 404 -4.86 4.42 -25.66
CA GLY A 404 -6.01 3.55 -25.42
C GLY A 404 -7.10 4.20 -24.58
N LEU A 405 -6.72 4.73 -23.41
CA LEU A 405 -7.71 5.38 -22.56
C LEU A 405 -8.21 6.68 -23.16
N ASP A 406 -7.32 7.49 -23.73
CA ASP A 406 -7.72 8.75 -24.36
C ASP A 406 -8.81 8.49 -25.41
N ASP A 407 -8.56 7.54 -26.31
CA ASP A 407 -9.54 7.19 -27.36
C ASP A 407 -10.85 6.77 -26.76
N PHE A 408 -10.79 5.91 -25.75
CA PHE A 408 -12.00 5.35 -25.18
C PHE A 408 -12.84 6.45 -24.54
N VAL A 409 -12.22 7.29 -23.71
CA VAL A 409 -12.98 8.32 -22.99
C VAL A 409 -13.46 9.43 -23.92
N ASP A 410 -12.67 9.80 -24.92
CA ASP A 410 -13.03 10.89 -25.81
C ASP A 410 -14.04 10.47 -26.89
N HIS A 411 -13.99 9.20 -27.30
CA HIS A 411 -14.77 8.77 -28.46
C HIS A 411 -15.83 7.72 -28.18
N VAL A 412 -15.59 6.78 -27.27
CA VAL A 412 -16.59 5.76 -26.99
C VAL A 412 -17.64 6.19 -25.98
N LEU A 413 -17.20 6.75 -24.84
CA LEU A 413 -18.16 7.10 -23.79
C LEU A 413 -19.24 8.06 -24.26
N PRO A 414 -18.91 9.11 -25.04
CA PRO A 414 -19.94 10.03 -25.53
C PRO A 414 -20.99 9.38 -26.43
N VAL A 415 -20.59 8.40 -27.24
CA VAL A 415 -21.53 7.61 -28.03
C VAL A 415 -22.44 6.79 -27.11
N LEU A 416 -21.87 6.13 -26.12
CA LEU A 416 -22.71 5.39 -25.16
C LEU A 416 -23.70 6.30 -24.44
N SER A 417 -23.23 7.47 -24.01
CA SER A 417 -24.08 8.45 -23.35
C SER A 417 -25.24 8.89 -24.26
N ALA A 418 -24.92 9.18 -25.52
CA ALA A 418 -25.95 9.59 -26.48
C ALA A 418 -27.03 8.52 -26.70
N ARG A 419 -26.66 7.25 -26.54
CA ARG A 419 -27.59 6.14 -26.70
C ARG A 419 -28.26 5.67 -25.41
N GLY A 420 -28.01 6.37 -24.30
CA GLY A 420 -28.67 6.05 -23.01
C GLY A 420 -28.05 4.92 -22.23
N TYR A 421 -26.79 4.61 -22.56
CA TYR A 421 -26.07 3.52 -21.94
C TYR A 421 -24.85 3.96 -21.09
N PHE A 422 -24.74 5.25 -20.78
CA PHE A 422 -23.69 5.75 -19.88
C PHE A 422 -23.97 7.15 -19.38
N ASP A 423 -24.09 7.26 -18.06
CA ASP A 423 -24.25 8.53 -17.35
C ASP A 423 -22.90 8.92 -16.75
N PRO A 424 -22.22 9.93 -17.31
CA PRO A 424 -20.88 10.32 -16.84
C PRO A 424 -20.84 11.11 -15.53
N VAL A 425 -22.00 11.57 -15.07
CA VAL A 425 -22.13 12.36 -13.85
C VAL A 425 -23.03 11.70 -12.83
N ARG A 426 -22.88 10.39 -12.66
CA ARG A 426 -23.55 9.70 -11.57
C ARG A 426 -23.07 10.26 -10.26
N ARG A 427 -24.01 10.62 -9.41
CA ARG A 427 -23.70 11.23 -8.15
C ARG A 427 -23.53 10.12 -7.16
N GLY A 428 -22.58 10.30 -6.26
CA GLY A 428 -22.32 9.30 -5.24
C GLY A 428 -20.98 9.55 -4.63
N ALA A 429 -20.94 9.59 -3.31
CA ALA A 429 -19.70 9.83 -2.60
C ALA A 429 -18.80 8.61 -2.66
N THR A 430 -19.38 7.41 -2.64
CA THR A 430 -18.62 6.18 -2.36
C THR A 430 -18.52 5.27 -3.59
N LEU A 431 -17.63 4.28 -3.51
CA LEU A 431 -17.57 3.24 -4.52
C LEU A 431 -18.89 2.45 -4.60
N ARG A 432 -19.43 2.02 -3.47
CA ARG A 432 -20.79 1.43 -3.45
C ARG A 432 -21.83 2.31 -4.19
N ASP A 433 -21.87 3.59 -3.87
CA ASP A 433 -22.77 4.53 -4.55
C ASP A 433 -22.63 4.50 -6.08
N HIS A 434 -21.39 4.55 -6.56
CA HIS A 434 -21.12 4.53 -8.01
C HIS A 434 -21.67 3.26 -8.64
N LEU A 435 -21.46 2.14 -7.96
CA LEU A 435 -21.83 0.83 -8.49
C LEU A 435 -23.29 0.48 -8.22
N GLY A 436 -23.99 1.33 -7.48
CA GLY A 436 -25.39 1.10 -7.17
C GLY A 436 -25.55 0.01 -6.13
N LEU A 437 -24.50 -0.21 -5.33
CA LEU A 437 -24.57 -1.16 -4.22
C LEU A 437 -25.06 -0.46 -2.95
N PRO A 438 -25.84 -1.15 -2.11
CA PRO A 438 -26.27 -0.57 -0.86
C PRO A 438 -25.13 -0.43 0.16
N TYR A 439 -25.19 0.63 0.96
CA TYR A 439 -24.30 0.82 2.10
C TYR A 439 -24.18 -0.49 2.88
N LYS A 440 -22.96 -0.86 3.25
CA LYS A 440 -22.74 -2.12 3.96
C LYS A 440 -22.94 -1.95 5.46
N GLU A 441 -24.12 -2.33 5.96
CA GLU A 441 -24.38 -2.27 7.41
C GLU A 441 -23.53 -3.29 8.16
N SER A 442 -23.14 -2.93 9.38
CA SER A 442 -22.45 -3.84 10.26
C SER A 442 -23.37 -5.04 10.53
N ARG A 443 -22.76 -6.22 10.65
CA ARG A 443 -23.48 -7.39 11.15
C ARG A 443 -24.13 -7.16 12.53
N TYR A 444 -23.65 -6.17 13.29
CA TYR A 444 -24.21 -5.88 14.61
C TYR A 444 -25.20 -4.70 14.63
N ALA A 445 -25.55 -4.14 13.47
CA ALA A 445 -26.42 -2.94 13.40
C ALA A 445 -27.76 -3.14 14.13
N ARG B 7 26.48 26.19 12.92
CA ARG B 7 27.68 25.62 13.64
C ARG B 7 27.54 24.13 14.02
N LYS B 8 26.33 23.72 14.45
CA LYS B 8 26.06 22.33 14.81
C LYS B 8 24.54 22.08 14.73
N HIS B 9 24.10 21.63 13.57
CA HIS B 9 22.71 21.50 13.25
C HIS B 9 22.06 20.37 14.06
N ILE B 10 21.01 20.70 14.79
CA ILE B 10 20.22 19.72 15.54
C ILE B 10 19.10 19.23 14.65
N HIS B 11 18.95 17.90 14.50
CA HIS B 11 17.87 17.34 13.68
C HIS B 11 16.59 17.18 14.51
N PHE B 12 15.45 17.28 13.84
CA PHE B 12 14.15 17.04 14.46
C PHE B 12 13.26 16.12 13.61
N GLY B 13 12.56 15.24 14.31
CA GLY B 13 11.42 14.54 13.80
C GLY B 13 10.22 14.92 14.65
N VAL B 14 9.01 14.77 14.06
CA VAL B 14 7.79 14.98 14.83
C VAL B 14 6.94 13.70 14.80
N LEU B 15 6.70 13.15 15.98
CA LEU B 15 5.75 12.07 16.16
C LEU B 15 4.37 12.66 16.01
N ILE B 16 3.61 12.20 15.02
CA ILE B 16 2.21 12.68 14.89
C ILE B 16 1.29 11.61 15.42
N GLN B 17 1.08 11.65 16.75
CA GLN B 17 0.23 10.70 17.47
CA GLN B 17 0.24 10.71 17.47
C GLN B 17 -1.19 11.26 17.54
N GLY B 18 -1.79 11.44 16.37
CA GLY B 18 -3.13 12.01 16.29
C GLY B 18 -3.19 13.28 17.12
N ALA B 19 -4.16 13.34 18.03
CA ALA B 19 -4.36 14.49 18.91
C ALA B 19 -3.15 14.91 19.75
N GLY B 20 -2.34 13.94 20.17
CA GLY B 20 -1.14 14.23 20.95
C GLY B 20 -0.63 13.03 21.73
N ALA B 21 0.54 13.19 22.31
CA ALA B 21 1.15 12.18 23.17
C ALA B 21 0.39 12.00 24.46
N ASN B 22 -0.24 13.04 24.98
CA ASN B 22 -1.10 12.90 26.15
C ASN B 22 -2.33 12.07 25.77
N MET B 23 -2.63 11.04 26.56
CA MET B 23 -3.70 10.10 26.17
C MET B 23 -5.06 10.79 26.01
N ASN B 24 -5.30 11.88 26.76
CA ASN B 24 -6.55 12.67 26.67
C ASN B 24 -6.42 13.96 25.84
N ALA B 25 -5.46 13.99 24.92
CA ALA B 25 -5.26 15.14 24.01
C ALA B 25 -6.51 15.49 23.18
N TRP B 26 -7.33 14.47 22.86
CA TRP B 26 -8.55 14.68 22.10
C TRP B 26 -9.51 15.70 22.73
N LYS B 27 -9.37 15.94 24.03
CA LYS B 27 -10.19 16.89 24.72
C LYS B 27 -9.72 18.32 24.51
N HIS B 28 -8.52 18.53 23.97
CA HIS B 28 -7.97 19.90 23.92
C HIS B 28 -8.51 20.70 22.73
N PRO B 29 -8.89 21.98 22.94
CA PRO B 29 -9.57 22.72 21.87
C PRO B 29 -8.69 23.06 20.65
N SER B 30 -7.36 22.97 20.77
CA SER B 30 -6.48 23.23 19.63
C SER B 30 -6.43 22.10 18.60
N VAL B 31 -7.09 20.97 18.86
CA VAL B 31 -7.18 19.86 17.91
C VAL B 31 -8.64 19.46 17.70
N PRO B 32 -8.97 18.89 16.54
CA PRO B 32 -10.32 18.33 16.41
C PRO B 32 -10.50 17.08 17.28
N PRO B 33 -11.71 16.88 17.81
CA PRO B 33 -11.94 15.71 18.67
C PRO B 33 -11.56 14.38 18.02
N ASP B 34 -11.75 14.31 16.71
CA ASP B 34 -11.46 13.07 15.98
C ASP B 34 -10.09 13.09 15.32
N ALA B 35 -9.17 13.91 15.83
CA ALA B 35 -7.85 14.07 15.24
C ALA B 35 -7.14 12.76 14.83
N SER B 36 -7.21 11.75 15.70
CA SER B 36 -6.47 10.51 15.48
C SER B 36 -6.90 9.80 14.20
N VAL B 37 -8.16 9.99 13.76
CA VAL B 37 -8.62 9.46 12.48
C VAL B 37 -9.19 10.56 11.56
N ASN B 38 -8.50 11.70 11.54
CA ASN B 38 -8.89 12.85 10.72
C ASN B 38 -7.74 13.12 9.78
N PHE B 39 -7.86 12.68 8.53
CA PHE B 39 -6.73 12.74 7.61
C PHE B 39 -6.27 14.21 7.41
N ASP B 40 -7.20 15.13 7.25
CA ASP B 40 -6.82 16.52 6.97
C ASP B 40 -5.98 17.11 8.11
N PHE B 41 -6.23 16.62 9.32
CA PHE B 41 -5.49 17.06 10.49
C PHE B 41 -4.03 16.59 10.42
N TYR B 42 -3.82 15.33 10.01
CA TYR B 42 -2.45 14.84 9.77
C TYR B 42 -1.72 15.66 8.68
N VAL B 43 -2.41 15.99 7.59
CA VAL B 43 -1.83 16.83 6.52
C VAL B 43 -1.42 18.20 7.07
N ASP B 44 -2.35 18.86 7.78
CA ASP B 44 -2.08 20.15 8.41
C ASP B 44 -0.85 20.10 9.30
N ARG B 45 -0.74 19.07 10.14
CA ARG B 45 0.41 18.97 11.05
C ARG B 45 1.71 18.64 10.30
N ALA B 46 1.63 17.79 9.28
CA ALA B 46 2.79 17.40 8.53
C ALA B 46 3.37 18.63 7.82
N ARG B 47 2.50 19.41 7.20
CA ARG B 47 2.90 20.63 6.50
C ARG B 47 3.44 21.71 7.45
N ARG B 48 2.79 21.90 8.59
CA ARG B 48 3.30 22.78 9.65
C ARG B 48 4.74 22.45 10.01
N ALA B 49 5.03 21.18 10.26
CA ALA B 49 6.39 20.71 10.52
C ALA B 49 7.34 20.93 9.34
N GLU B 50 6.87 20.58 8.15
CA GLU B 50 7.68 20.69 6.95
C GLU B 50 8.10 22.11 6.66
N ASN B 51 7.15 23.03 6.78
CA ASN B 51 7.44 24.44 6.52
C ASN B 51 8.49 24.99 7.48
N ALA B 52 8.57 24.38 8.66
CA ALA B 52 9.54 24.77 9.66
C ALA B 52 10.94 24.14 9.50
N GLY B 53 11.13 23.22 8.55
CA GLY B 53 12.41 22.50 8.39
C GLY B 53 12.61 21.25 9.25
N ILE B 54 11.55 20.76 9.88
CA ILE B 54 11.62 19.49 10.58
C ILE B 54 11.83 18.39 9.53
N ALA B 55 12.77 17.49 9.81
CA ALA B 55 13.27 16.58 8.82
C ALA B 55 12.35 15.42 8.53
N PHE B 56 11.56 14.97 9.51
CA PHE B 56 10.63 13.86 9.25
C PHE B 56 9.41 13.86 10.16
N ALA B 57 8.33 13.31 9.63
CA ALA B 57 7.15 12.94 10.40
C ALA B 57 7.27 11.47 10.75
N PHE B 58 6.89 11.13 11.98
CA PHE B 58 6.98 9.77 12.48
C PHE B 58 5.58 9.28 12.89
N ILE B 59 5.17 8.18 12.29
CA ILE B 59 3.91 7.51 12.63
C ILE B 59 4.24 6.22 13.38
N ALA B 60 4.03 6.24 14.69
CA ALA B 60 4.15 5.04 15.52
C ALA B 60 2.94 4.14 15.27
N ASP B 61 2.96 2.93 15.83
CA ASP B 61 1.87 2.02 15.50
C ASP B 61 1.61 1.02 16.59
N SER B 62 0.43 0.42 16.53
CA SER B 62 0.03 -0.69 17.39
C SER B 62 -0.94 -1.56 16.60
N ALA B 63 -1.12 -2.79 17.06
CA ALA B 63 -2.04 -3.73 16.43
C ALA B 63 -2.72 -4.64 17.47
N TYR B 64 -3.10 -4.06 18.59
CA TYR B 64 -3.88 -4.75 19.62
C TYR B 64 -4.72 -3.70 20.36
N VAL B 65 -5.96 -4.05 20.66
CA VAL B 65 -6.93 -3.17 21.31
C VAL B 65 -7.65 -3.94 22.40
N THR B 66 -7.88 -3.26 23.53
CA THR B 66 -8.85 -3.71 24.51
C THR B 66 -9.75 -2.53 24.90
N PRO B 67 -10.85 -2.80 25.64
CA PRO B 67 -11.73 -1.72 26.13
C PRO B 67 -11.03 -0.64 26.97
N LYS B 68 -9.86 -0.95 27.52
CA LYS B 68 -9.12 -0.02 28.36
C LYS B 68 -8.04 0.72 27.61
N SER B 69 -7.86 0.45 26.31
CA SER B 69 -6.78 1.09 25.54
C SER B 69 -7.01 2.61 25.47
N ALA B 70 -5.92 3.37 25.33
CA ALA B 70 -5.99 4.83 25.20
C ALA B 70 -6.70 5.24 23.89
N PRO B 71 -7.29 6.46 23.86
CA PRO B 71 -8.04 6.89 22.69
C PRO B 71 -7.33 6.69 21.34
N HIS B 72 -6.07 7.08 21.24
CA HIS B 72 -5.35 6.92 19.97
C HIS B 72 -5.14 5.44 19.62
N PHE B 73 -4.99 4.61 20.64
CA PHE B 73 -4.77 3.18 20.37
C PHE B 73 -6.07 2.49 19.92
N LEU B 74 -7.21 3.03 20.36
CA LEU B 74 -8.53 2.53 19.96
C LEU B 74 -8.85 2.74 18.48
N ASN B 75 -8.34 3.81 17.90
CA ASN B 75 -8.65 4.14 16.53
C ASN B 75 -7.58 5.04 15.94
N ARG B 76 -6.85 4.52 14.97
CA ARG B 76 -5.73 5.20 14.32
C ARG B 76 -5.65 4.72 12.85
N PHE B 77 -4.95 5.50 12.02
CA PHE B 77 -4.71 5.11 10.64
C PHE B 77 -3.63 4.02 10.67
N GLU B 78 -3.49 3.31 9.56
CA GLU B 78 -2.40 2.37 9.38
C GLU B 78 -1.24 3.11 8.69
N PRO B 79 0.04 2.77 8.99
CA PRO B 79 1.12 3.66 8.55
C PRO B 79 1.48 3.71 7.07
N ILE B 80 1.52 2.58 6.36
CA ILE B 80 1.83 2.60 4.93
C ILE B 80 0.82 3.46 4.18
N SER B 81 -0.47 3.26 4.44
CA SER B 81 -1.50 4.03 3.74
C SER B 81 -1.45 5.50 4.11
N LEU B 82 -1.33 5.80 5.39
CA LEU B 82 -1.25 7.19 5.82
C LEU B 82 -0.03 7.89 5.24
N LEU B 83 1.13 7.26 5.35
CA LEU B 83 2.37 7.90 4.88
C LEU B 83 2.38 8.11 3.38
N SER B 84 1.77 7.20 2.66
CA SER B 84 1.74 7.29 1.20
C SER B 84 0.83 8.45 0.75
N ALA B 85 -0.31 8.61 1.42
CA ALA B 85 -1.18 9.79 1.21
C ALA B 85 -0.50 11.12 1.58
N LEU B 86 0.23 11.13 2.70
CA LEU B 86 0.94 12.33 3.12
C LEU B 86 2.07 12.69 2.12
N ALA B 87 2.76 11.68 1.60
CA ALA B 87 3.83 11.87 0.63
C ALA B 87 3.44 12.84 -0.50
N VAL B 88 2.28 12.67 -1.07
CA VAL B 88 1.89 13.41 -2.26
C VAL B 88 1.28 14.76 -1.94
N LEU B 89 1.07 15.05 -0.66
CA LEU B 89 0.64 16.37 -0.23
C LEU B 89 1.77 17.17 0.47
N THR B 90 3.00 16.63 0.43
CA THR B 90 4.18 17.25 1.03
C THR B 90 5.22 17.16 -0.07
N SER B 91 6.47 17.52 0.21
CA SER B 91 7.51 17.51 -0.83
C SER B 91 8.91 17.15 -0.29
N LYS B 92 9.25 17.65 0.90
CA LYS B 92 10.57 17.42 1.51
C LYS B 92 10.54 16.51 2.74
N ILE B 93 9.47 16.57 3.51
CA ILE B 93 9.52 15.93 4.83
C ILE B 93 9.63 14.41 4.76
N GLY B 94 10.47 13.88 5.64
CA GLY B 94 10.62 12.43 5.75
C GLY B 94 9.38 11.77 6.27
N LEU B 95 9.27 10.47 5.97
CA LEU B 95 8.03 9.73 6.13
C LEU B 95 8.35 8.37 6.77
N VAL B 96 8.30 8.33 8.10
CA VAL B 96 8.81 7.22 8.87
C VAL B 96 7.66 6.51 9.53
N GLY B 97 7.58 5.18 9.35
CA GLY B 97 6.47 4.40 9.85
C GLY B 97 6.91 3.17 10.58
N THR B 98 6.23 2.88 11.67
CA THR B 98 6.47 1.67 12.44
C THR B 98 5.83 0.47 11.71
N MET B 99 6.59 -0.62 11.67
CA MET B 99 6.06 -1.92 11.30
C MET B 99 6.84 -3.01 12.04
N SER B 100 6.08 -3.99 12.51
CA SER B 100 6.61 -5.02 13.38
C SER B 100 7.34 -6.13 12.57
N SER B 101 8.49 -6.58 13.05
CA SER B 101 9.23 -7.70 12.45
C SER B 101 8.53 -9.04 12.64
N SER B 102 7.78 -9.16 13.73
CA SER B 102 7.16 -10.43 14.14
C SER B 102 5.85 -10.73 13.41
N TYR B 103 5.15 -9.69 12.98
CA TYR B 103 3.80 -9.83 12.43
C TYR B 103 3.66 -9.32 10.99
N SER B 104 4.76 -9.37 10.24
CA SER B 104 4.77 -8.93 8.86
C SER B 104 5.67 -9.87 8.07
N GLU B 105 5.38 -10.04 6.78
CA GLU B 105 6.18 -10.89 5.91
C GLU B 105 7.24 -9.95 5.33
N PRO B 106 8.52 -10.29 5.40
CA PRO B 106 9.59 -9.41 4.89
C PRO B 106 9.45 -8.99 3.41
N TYR B 107 8.96 -9.88 2.55
CA TYR B 107 8.73 -9.50 1.14
C TYR B 107 7.68 -8.40 1.03
N ASN B 108 6.64 -8.46 1.86
CA ASN B 108 5.62 -7.43 1.87
C ASN B 108 6.15 -6.12 2.44
N VAL B 109 6.92 -6.22 3.54
CA VAL B 109 7.52 -5.04 4.14
C VAL B 109 8.44 -4.33 3.16
N ALA B 110 9.29 -5.10 2.49
CA ALA B 110 10.20 -4.58 1.48
C ALA B 110 9.41 -3.84 0.38
N ARG B 111 8.36 -4.46 -0.13
CA ARG B 111 7.60 -3.85 -1.23
C ARG B 111 6.89 -2.58 -0.78
N GLN B 112 6.22 -2.65 0.35
CA GLN B 112 5.44 -1.49 0.84
C GLN B 112 6.31 -0.27 1.15
N PHE B 113 7.44 -0.47 1.82
CA PHE B 113 8.32 0.67 2.09
C PHE B 113 9.05 1.15 0.84
N ALA B 114 9.40 0.24 -0.06
CA ALA B 114 10.09 0.61 -1.32
C ALA B 114 9.16 1.39 -2.24
N SER B 115 7.88 1.05 -2.21
CA SER B 115 6.86 1.77 -2.96
C SER B 115 6.63 3.19 -2.41
N LEU B 116 6.43 3.30 -1.10
CA LEU B 116 6.44 4.59 -0.44
C LEU B 116 7.69 5.39 -0.80
N ASP B 117 8.84 4.73 -0.77
CA ASP B 117 10.13 5.40 -1.01
C ASP B 117 10.13 5.95 -2.43
N LEU B 118 9.67 5.14 -3.39
CA LEU B 118 9.70 5.53 -4.78
C LEU B 118 8.70 6.66 -5.07
N ILE B 119 7.48 6.52 -4.54
CA ILE B 119 6.43 7.54 -4.72
C ILE B 119 6.87 8.86 -4.12
N SER B 120 7.50 8.81 -2.94
CA SER B 120 7.96 10.02 -2.22
C SER B 120 9.30 10.63 -2.67
N GLY B 121 9.97 10.01 -3.64
CA GLY B 121 11.26 10.53 -4.13
C GLY B 121 12.42 10.30 -3.16
N GLY B 122 12.29 9.29 -2.30
CA GLY B 122 13.36 8.91 -1.40
C GLY B 122 13.23 9.51 -0.01
N ARG B 123 12.03 9.54 0.53
CA ARG B 123 11.80 10.11 1.84
C ARG B 123 11.33 9.11 2.87
N ALA B 124 11.31 7.81 2.54
CA ALA B 124 10.79 6.82 3.49
C ALA B 124 11.76 6.40 4.60
N GLY B 125 11.18 6.04 5.74
CA GLY B 125 11.90 5.43 6.85
C GLY B 125 11.06 4.33 7.46
N TRP B 126 11.71 3.29 7.95
CA TRP B 126 11.01 2.19 8.63
C TRP B 126 11.49 2.09 10.05
N ASN B 127 10.58 2.30 11.01
CA ASN B 127 10.87 2.04 12.41
C ASN B 127 10.61 0.56 12.70
N VAL B 128 11.68 -0.18 12.90
CA VAL B 128 11.62 -1.61 13.14
C VAL B 128 11.33 -1.85 14.61
N VAL B 129 10.17 -2.43 14.89
CA VAL B 129 9.79 -2.74 16.28
C VAL B 129 9.94 -4.24 16.50
N THR B 130 10.79 -4.59 17.47
CA THR B 130 11.20 -5.97 17.77
C THR B 130 10.22 -6.68 18.71
N SER B 131 9.72 -5.96 19.72
CA SER B 131 8.65 -6.44 20.59
C SER B 131 7.40 -5.57 20.44
N SER B 132 6.24 -6.20 20.36
CA SER B 132 4.97 -5.49 20.27
C SER B 132 4.29 -5.46 21.64
N ILE B 133 3.18 -4.73 21.77
CA ILE B 133 2.36 -4.72 22.99
C ILE B 133 1.83 -6.13 23.35
N GLU B 134 1.83 -6.47 24.63
CA GLU B 134 1.43 -7.79 25.09
C GLU B 134 0.00 -8.13 24.63
N GLY B 135 -0.15 -9.29 24.00
CA GLY B 135 -1.43 -9.69 23.43
C GLY B 135 -1.53 -9.50 21.92
N THR B 136 -0.62 -8.75 21.33
CA THR B 136 -0.64 -8.54 19.87
C THR B 136 -0.72 -9.85 19.10
N GLY B 137 -0.04 -10.88 19.59
CA GLY B 137 0.01 -12.19 18.94
C GLY B 137 -1.33 -12.88 18.74
N LYS B 138 -2.31 -12.52 19.56
CA LYS B 138 -3.67 -13.05 19.44
C LYS B 138 -4.41 -12.59 18.17
N ASN B 139 -3.87 -11.57 17.50
CA ASN B 139 -4.43 -11.11 16.22
C ASN B 139 -3.72 -11.72 15.01
N TYR B 140 -2.74 -12.59 15.27
CA TYR B 140 -1.96 -13.23 14.21
C TYR B 140 -1.76 -14.74 14.47
N GLY B 141 -2.58 -15.33 15.33
CA GLY B 141 -2.58 -16.78 15.55
C GLY B 141 -1.41 -17.31 16.37
N ARG B 142 -0.75 -16.43 17.10
CA ARG B 142 0.42 -16.79 17.90
C ARG B 142 0.21 -16.21 19.32
N PRO B 143 -0.82 -16.72 20.05
CA PRO B 143 -1.22 -16.13 21.34
C PRO B 143 -0.10 -16.10 22.39
N HIS B 144 0.94 -16.93 22.21
CA HIS B 144 2.13 -16.90 23.06
C HIS B 144 3.39 -17.00 22.20
N PRO B 145 3.86 -15.85 21.67
CA PRO B 145 4.84 -15.77 20.58
C PRO B 145 6.27 -16.22 20.95
N ASP B 146 7.23 -15.83 20.11
CA ASP B 146 8.64 -15.86 20.47
C ASP B 146 8.84 -14.95 21.69
N HIS B 147 9.58 -15.42 22.68
CA HIS B 147 9.92 -14.59 23.84
C HIS B 147 11.36 -14.15 23.67
N ALA B 148 12.27 -15.11 23.84
CA ALA B 148 13.72 -14.88 23.72
C ALA B 148 14.14 -14.43 22.30
N GLN B 149 13.51 -15.02 21.29
CA GLN B 149 13.96 -14.92 19.90
C GLN B 149 13.38 -13.74 19.09
N ARG B 150 12.73 -12.81 19.76
CA ARG B 150 12.25 -11.60 19.10
C ARG B 150 13.37 -10.84 18.40
N TYR B 151 14.53 -10.77 19.05
CA TYR B 151 15.67 -10.04 18.50
C TYR B 151 16.34 -10.79 17.33
N ALA B 152 16.38 -12.13 17.41
CA ALA B 152 16.91 -12.92 16.31
C ALA B 152 15.99 -12.89 15.09
N ILE B 153 14.67 -12.95 15.32
CA ILE B 153 13.68 -12.78 14.26
C ILE B 153 13.83 -11.41 13.60
N ALA B 154 13.97 -10.37 14.43
CA ALA B 154 14.07 -9.01 13.92
C ALA B 154 15.33 -8.84 13.06
N ALA B 155 16.46 -9.37 13.51
CA ALA B 155 17.72 -9.23 12.76
C ALA B 155 17.66 -9.91 11.38
N GLU B 156 17.10 -11.11 11.32
CA GLU B 156 17.04 -11.86 10.06
C GLU B 156 16.02 -11.21 9.11
N HIS B 157 14.87 -10.83 9.66
CA HIS B 157 13.83 -10.11 8.93
C HIS B 157 14.41 -8.86 8.24
N LEU B 158 15.13 -8.03 9.01
CA LEU B 158 15.76 -6.84 8.46
C LEU B 158 16.80 -7.23 7.40
N ASP B 159 17.64 -8.23 7.67
CA ASP B 159 18.61 -8.66 6.65
C ASP B 159 17.89 -9.03 5.36
N VAL B 160 16.76 -9.72 5.46
CA VAL B 160 16.02 -10.11 4.27
C VAL B 160 15.51 -8.88 3.53
N VAL B 161 14.96 -7.92 4.25
CA VAL B 161 14.36 -6.74 3.62
C VAL B 161 15.42 -5.92 2.90
N GLN B 162 16.56 -5.71 3.54
CA GLN B 162 17.64 -4.94 2.92
C GLN B 162 18.24 -5.67 1.75
N GLY B 163 18.37 -6.99 1.83
CA GLY B 163 18.82 -7.78 0.67
C GLY B 163 17.85 -7.64 -0.50
N LEU B 164 16.55 -7.66 -0.19
CA LEU B 164 15.54 -7.54 -1.21
C LEU B 164 15.61 -6.15 -1.86
N TRP B 165 15.84 -5.11 -1.08
CA TRP B 165 15.93 -3.75 -1.62
C TRP B 165 17.09 -3.53 -2.57
N ASP B 166 18.11 -4.40 -2.54
CA ASP B 166 19.19 -4.33 -3.52
C ASP B 166 19.00 -5.30 -4.69
N SER B 167 17.76 -5.73 -4.92
CA SER B 167 17.46 -6.60 -6.06
C SER B 167 17.85 -5.96 -7.38
N TRP B 168 17.53 -4.67 -7.53
CA TRP B 168 17.70 -3.95 -8.79
C TRP B 168 18.83 -2.94 -8.74
N ASP B 169 19.91 -3.18 -9.47
CA ASP B 169 20.98 -2.19 -9.55
C ASP B 169 20.34 -0.86 -10.00
N ASP B 170 20.92 0.26 -9.59
CA ASP B 170 20.39 1.58 -9.94
C ASP B 170 20.34 1.82 -11.47
N ASP B 171 21.19 1.14 -12.22
CA ASP B 171 21.26 1.34 -13.69
C ASP B 171 20.70 0.18 -14.50
N ALA B 172 19.97 -0.73 -13.84
CA ALA B 172 19.51 -1.97 -14.47
C ALA B 172 18.41 -1.75 -15.52
N LEU B 173 17.52 -0.78 -15.26
CA LEU B 173 16.34 -0.56 -16.12
C LEU B 173 16.66 0.42 -17.25
N VAL B 174 17.31 -0.12 -18.27
CA VAL B 174 17.78 0.67 -19.38
C VAL B 174 16.65 1.14 -20.28
N ARG B 175 15.62 0.32 -20.42
CA ARG B 175 14.44 0.66 -21.23
C ARG B 175 14.82 1.33 -22.53
N ASP B 176 15.62 0.62 -23.32
CA ASP B 176 16.17 1.15 -24.55
C ASP B 176 15.20 0.84 -25.68
N ARG B 177 14.49 1.88 -26.15
CA ARG B 177 13.48 1.70 -27.19
C ARG B 177 14.12 1.49 -28.58
N ALA B 178 15.36 1.95 -28.75
CA ALA B 178 16.10 1.71 -30.00
C ALA B 178 16.32 0.22 -30.23
N THR B 179 16.65 -0.53 -29.17
CA THR B 179 16.96 -1.97 -29.30
C THR B 179 15.85 -2.90 -28.80
N GLY B 180 14.96 -2.39 -27.97
CA GLY B 180 13.95 -3.23 -27.32
C GLY B 180 14.41 -3.91 -26.05
N ARG B 181 15.61 -3.59 -25.56
CA ARG B 181 16.10 -4.18 -24.31
C ARG B 181 15.50 -3.39 -23.14
N PHE B 182 14.67 -4.07 -22.33
CA PHE B 182 14.00 -3.41 -21.22
C PHE B 182 14.91 -3.26 -20.02
N PHE B 183 15.69 -4.31 -19.73
CA PHE B 183 16.59 -4.30 -18.60
C PHE B 183 17.82 -5.15 -18.86
N ASP B 184 18.87 -4.92 -18.06
CA ASP B 184 20.09 -5.74 -18.12
C ASP B 184 19.93 -6.90 -17.13
N PRO B 185 19.84 -8.14 -17.64
CA PRO B 185 19.63 -9.27 -16.73
C PRO B 185 20.75 -9.48 -15.69
N ASP B 186 21.96 -9.02 -15.97
CA ASP B 186 23.06 -9.15 -15.02
C ASP B 186 23.00 -8.09 -13.91
N LYS B 187 22.06 -7.16 -14.01
CA LYS B 187 21.91 -6.14 -12.98
C LYS B 187 20.70 -6.33 -12.08
N LEU B 188 20.13 -7.54 -12.13
CA LEU B 188 19.03 -7.99 -11.29
C LEU B 188 19.52 -9.18 -10.47
N HIS B 189 19.34 -9.15 -9.16
CA HIS B 189 19.91 -10.19 -8.29
C HIS B 189 18.81 -10.94 -7.50
N ARG B 190 18.98 -12.25 -7.39
CA ARG B 190 18.17 -13.04 -6.46
C ARG B 190 18.76 -12.90 -5.07
N LEU B 191 17.95 -13.21 -4.06
CA LEU B 191 18.43 -13.17 -2.67
C LEU B 191 18.79 -14.59 -2.22
N ASP B 192 17.88 -15.53 -2.47
CA ASP B 192 18.01 -16.92 -2.00
C ASP B 192 18.38 -17.00 -0.55
N HIS B 193 17.59 -16.33 0.28
CA HIS B 193 17.79 -16.38 1.72
C HIS B 193 17.11 -17.61 2.28
N ARG B 194 17.89 -18.45 2.95
CA ARG B 194 17.36 -19.57 3.74
C ARG B 194 18.00 -19.44 5.12
N GLY B 195 17.24 -18.97 6.11
CA GLY B 195 17.71 -18.82 7.47
C GLY B 195 16.84 -19.59 8.45
N ARG B 196 17.03 -19.35 9.74
CA ARG B 196 16.23 -20.00 10.80
C ARG B 196 14.74 -19.66 10.75
N PHE B 197 14.41 -18.40 10.48
CA PHE B 197 13.03 -17.95 10.59
C PHE B 197 12.38 -17.63 9.25
N PHE B 198 13.19 -17.33 8.23
CA PHE B 198 12.66 -16.92 6.95
C PHE B 198 13.30 -17.66 5.77
N SER B 199 12.50 -17.88 4.75
CA SER B 199 12.98 -18.38 3.46
C SER B 199 12.37 -17.60 2.31
N VAL B 200 13.20 -16.80 1.65
CA VAL B 200 12.73 -15.83 0.66
C VAL B 200 13.72 -15.76 -0.49
N GLU B 201 13.24 -16.12 -1.67
CA GLU B 201 14.07 -16.24 -2.86
C GLU B 201 14.43 -14.91 -3.53
N GLY B 202 13.48 -13.99 -3.61
CA GLY B 202 13.66 -12.80 -4.43
C GLY B 202 13.63 -13.19 -5.91
N PRO B 203 13.84 -12.23 -6.81
CA PRO B 203 14.08 -10.81 -6.51
C PRO B 203 12.81 -10.06 -6.10
N LEU B 204 12.99 -8.87 -5.55
CA LEU B 204 11.89 -7.92 -5.35
C LEU B 204 11.45 -7.38 -6.70
N ASN B 205 10.16 -7.06 -6.83
CA ASN B 205 9.61 -6.48 -8.05
C ASN B 205 9.42 -4.96 -8.00
N ILE B 206 10.35 -4.28 -7.34
CA ILE B 206 10.38 -2.84 -7.39
C ILE B 206 11.80 -2.36 -7.14
N ARG B 207 12.16 -1.30 -7.85
CA ARG B 207 13.50 -0.77 -7.85
C ARG B 207 13.85 0.04 -6.59
N ARG B 208 15.05 0.62 -6.63
CA ARG B 208 15.59 1.39 -5.54
C ARG B 208 15.23 2.85 -5.73
N SER B 209 15.22 3.60 -4.64
CA SER B 209 14.75 4.98 -4.63
C SER B 209 15.89 5.97 -4.81
N PRO B 210 15.59 7.28 -4.83
CA PRO B 210 16.69 8.24 -4.92
C PRO B 210 17.61 8.35 -3.65
N GLN B 211 17.24 7.73 -2.54
CA GLN B 211 18.15 7.60 -1.38
C GLN B 211 18.73 6.18 -1.20
N GLY B 212 18.48 5.31 -2.17
CA GLY B 212 18.99 3.95 -2.14
C GLY B 212 18.07 2.96 -1.46
N GLN B 213 17.93 3.12 -0.15
CA GLN B 213 16.99 2.34 0.66
C GLN B 213 16.33 3.25 1.68
N PRO B 214 15.16 2.85 2.16
CA PRO B 214 14.56 3.61 3.26
C PRO B 214 15.49 3.63 4.47
N VAL B 215 15.37 4.69 5.27
CA VAL B 215 16.16 4.87 6.46
C VAL B 215 15.64 3.95 7.58
N ILE B 216 16.54 3.26 8.28
CA ILE B 216 16.13 2.37 9.37
C ILE B 216 16.20 3.06 10.74
N PHE B 217 15.05 3.14 11.39
CA PHE B 217 14.92 3.60 12.77
C PHE B 217 14.68 2.40 13.69
N GLN B 218 15.28 2.43 14.87
CA GLN B 218 15.03 1.47 15.92
C GLN B 218 14.91 2.16 17.27
N ALA B 219 14.45 1.41 18.26
CA ALA B 219 14.20 1.93 19.60
C ALA B 219 14.61 0.92 20.67
N GLY B 220 15.63 0.10 20.41
CA GLY B 220 16.04 -0.91 21.38
C GLY B 220 16.72 -0.31 22.61
N SER B 221 16.33 -0.77 23.80
CA SER B 221 16.93 -0.28 25.05
C SER B 221 17.67 -1.38 25.85
N SER B 222 17.32 -2.64 25.60
CA SER B 222 18.01 -3.75 26.23
C SER B 222 19.39 -3.92 25.59
N ASP B 223 20.23 -4.72 26.22
CA ASP B 223 21.54 -5.07 25.68
C ASP B 223 21.42 -5.54 24.22
N ASP B 224 20.49 -6.45 23.95
CA ASP B 224 20.26 -6.92 22.58
C ASP B 224 19.76 -5.79 21.68
N GLY B 225 18.86 -4.94 22.20
CA GLY B 225 18.35 -3.77 21.47
C GLY B 225 19.44 -2.83 21.00
N ILE B 226 20.32 -2.48 21.94
CA ILE B 226 21.46 -1.62 21.67
C ILE B 226 22.42 -2.28 20.68
N ASP B 227 22.69 -3.58 20.82
CA ASP B 227 23.57 -4.25 19.86
C ASP B 227 23.00 -4.19 18.47
N LEU B 228 21.71 -4.51 18.34
CA LEU B 228 21.03 -4.51 17.05
C LEU B 228 21.08 -3.12 16.39
N ALA B 229 20.80 -2.09 17.18
CA ALA B 229 20.82 -0.71 16.66
C ALA B 229 22.21 -0.29 16.20
N GLY B 230 23.23 -0.61 16.99
CA GLY B 230 24.61 -0.30 16.61
C GLY B 230 25.01 -0.98 15.31
N ARG B 231 24.57 -2.23 15.15
CA ARG B 231 24.87 -2.99 13.92
C ARG B 231 24.06 -2.56 12.70
N SER B 232 22.81 -2.11 12.89
CA SER B 232 21.91 -1.97 11.74
C SER B 232 21.00 -0.75 11.68
N ALA B 233 20.94 0.08 12.73
CA ALA B 233 20.08 1.26 12.67
C ALA B 233 20.81 2.45 12.03
N ASP B 234 20.06 3.27 11.30
CA ASP B 234 20.56 4.58 10.86
C ASP B 234 20.26 5.65 11.89
N ALA B 235 19.13 5.51 12.56
CA ALA B 235 18.73 6.42 13.63
C ALA B 235 18.06 5.63 14.74
N VAL B 236 18.22 6.11 15.97
CA VAL B 236 17.73 5.44 17.15
C VAL B 236 16.97 6.39 18.06
N PHE B 237 15.72 6.01 18.36
CA PHE B 237 14.88 6.72 19.33
C PHE B 237 15.20 6.32 20.75
N SER B 238 15.39 7.30 21.63
CA SER B 238 15.73 7.02 23.02
C SER B 238 14.66 7.55 23.93
N ASN B 239 14.53 6.87 25.06
CA ASN B 239 13.35 6.95 25.92
C ASN B 239 13.63 7.56 27.30
N GLY B 240 14.80 8.16 27.46
CA GLY B 240 15.20 8.76 28.74
C GLY B 240 14.22 9.78 29.32
N SER B 241 13.85 9.58 30.57
CA SER B 241 13.11 10.60 31.30
C SER B 241 14.08 11.68 31.80
N THR B 242 15.39 11.42 31.72
CA THR B 242 16.38 12.35 32.26
C THR B 242 17.61 12.45 31.36
N PHE B 243 18.33 13.54 31.53
CA PHE B 243 19.58 13.80 30.81
C PHE B 243 20.60 12.70 31.06
N ASP B 244 20.82 12.34 32.32
CA ASP B 244 21.80 11.29 32.66
C ASP B 244 21.47 9.95 31.98
N GLU B 245 20.20 9.56 31.98
CA GLU B 245 19.76 8.30 31.34
C GLU B 245 20.02 8.35 29.85
N ALA B 246 19.57 9.45 29.25
CA ALA B 246 19.80 9.75 27.84
C ALA B 246 21.28 9.62 27.47
N ARG B 247 22.16 10.17 28.30
CA ARG B 247 23.58 10.14 28.01
C ARG B 247 24.19 8.74 28.13
N VAL B 248 23.77 7.96 29.13
CA VAL B 248 24.26 6.58 29.24
C VAL B 248 23.86 5.82 27.98
N PHE B 249 22.60 5.98 27.59
CA PHE B 249 22.07 5.31 26.39
C PHE B 249 22.82 5.71 25.12
N TYR B 250 23.03 7.02 24.95
CA TYR B 250 23.70 7.57 23.77
C TYR B 250 25.10 6.98 23.60
N ARG B 251 25.86 6.96 24.69
CA ARG B 251 27.22 6.39 24.66
C ARG B 251 27.23 4.89 24.29
N ARG B 252 26.29 4.14 24.84
CA ARG B 252 26.17 2.71 24.51
C ARG B 252 25.89 2.47 23.03
N VAL B 253 25.00 3.28 22.44
CA VAL B 253 24.66 3.13 21.03
C VAL B 253 25.86 3.42 20.14
N LYS B 254 26.57 4.50 20.43
CA LYS B 254 27.76 4.91 19.67
C LYS B 254 28.89 3.89 19.80
N ALA B 255 29.07 3.35 21.00
CA ALA B 255 30.05 2.29 21.24
C ALA B 255 29.68 1.01 20.45
N ALA B 256 28.40 0.66 20.42
CA ALA B 256 27.94 -0.50 19.66
C ALA B 256 28.16 -0.30 18.15
N ALA B 257 27.97 0.92 17.66
CA ALA B 257 28.30 1.24 16.27
C ALA B 257 29.80 1.10 15.93
N ALA B 258 30.68 1.61 16.80
CA ALA B 258 32.13 1.44 16.62
C ALA B 258 32.50 -0.05 16.57
N ALA B 259 32.03 -0.80 17.55
CA ALA B 259 32.28 -2.23 17.64
C ALA B 259 31.76 -3.00 16.42
N ALA B 260 30.68 -2.50 15.80
CA ALA B 260 30.19 -3.12 14.56
C ALA B 260 30.97 -2.64 13.32
N GLY B 261 31.95 -1.75 13.51
CA GLY B 261 32.82 -1.30 12.42
C GLY B 261 32.25 -0.15 11.62
N ARG B 262 31.28 0.55 12.21
CA ARG B 262 30.60 1.63 11.52
C ARG B 262 31.05 2.98 12.07
N ASN B 263 30.83 4.03 11.29
CA ASN B 263 31.03 5.39 11.75
C ASN B 263 29.88 5.75 12.73
N PRO B 264 30.20 5.97 14.03
CA PRO B 264 29.16 6.31 15.02
C PRO B 264 28.37 7.60 14.71
N ASP B 265 28.97 8.52 13.96
CA ASP B 265 28.28 9.72 13.51
C ASP B 265 27.19 9.45 12.47
N HIS B 266 27.19 8.25 11.87
CA HIS B 266 26.12 7.87 10.96
C HIS B 266 25.03 7.05 11.64
N VAL B 267 25.11 6.93 12.97
CA VAL B 267 24.00 6.39 13.75
C VAL B 267 23.47 7.52 14.63
N LYS B 268 22.37 8.11 14.19
CA LYS B 268 21.83 9.33 14.80
C LYS B 268 20.89 8.99 15.98
N VAL B 269 21.15 9.56 17.14
CA VAL B 269 20.37 9.28 18.36
C VAL B 269 19.44 10.43 18.68
N PHE B 270 18.15 10.11 18.79
CA PHE B 270 17.07 11.09 18.99
C PHE B 270 16.21 10.81 20.24
N PRO B 271 16.49 11.49 21.36
CA PRO B 271 15.60 11.33 22.51
C PRO B 271 14.22 11.90 22.24
N GLY B 272 13.20 11.32 22.88
CA GLY B 272 11.85 11.83 22.79
C GLY B 272 11.66 12.97 23.77
N ILE B 273 11.22 14.12 23.29
CA ILE B 273 10.86 15.22 24.20
C ILE B 273 9.53 15.86 23.85
N GLY B 274 8.91 16.45 24.87
CA GLY B 274 7.62 17.14 24.76
C GLY B 274 7.66 18.53 25.38
N PRO B 275 8.30 19.47 24.69
CA PRO B 275 8.51 20.79 25.31
C PRO B 275 7.21 21.56 25.47
N ILE B 276 7.11 22.34 26.54
CA ILE B 276 5.96 23.20 26.80
C ILE B 276 6.52 24.59 27.08
N VAL B 277 6.20 25.54 26.21
CA VAL B 277 6.72 26.90 26.34
C VAL B 277 5.66 27.96 26.64
N GLY B 278 6.12 29.06 27.24
CA GLY B 278 5.35 30.27 27.50
C GLY B 278 6.30 31.47 27.56
N ALA B 279 5.77 32.69 27.63
CA ALA B 279 6.63 33.88 27.63
C ALA B 279 7.38 34.01 28.94
N THR B 280 6.86 33.39 30.00
CA THR B 280 7.44 33.45 31.33
C THR B 280 7.35 32.03 31.88
N GLN B 281 8.11 31.73 32.92
CA GLN B 281 8.04 30.42 33.56
C GLN B 281 6.60 30.13 34.05
N GLN B 282 5.94 31.15 34.56
CA GLN B 282 4.59 31.01 35.08
C GLN B 282 3.63 30.57 33.98
N GLU B 283 3.69 31.23 32.83
CA GLU B 283 2.84 30.90 31.71
C GLU B 283 3.13 29.47 31.21
N ALA B 284 4.40 29.09 31.21
CA ALA B 284 4.78 27.75 30.82
C ALA B 284 4.19 26.72 31.80
N ASP B 285 4.26 27.04 33.10
CA ASP B 285 3.74 26.16 34.14
C ASP B 285 2.22 26.04 34.06
N ASP B 286 1.54 27.14 33.72
CA ASP B 286 0.09 27.12 33.57
C ASP B 286 -0.29 26.19 32.42
N LYS B 287 0.44 26.26 31.32
CA LYS B 287 0.18 25.40 30.18
C LYS B 287 0.38 23.94 30.52
N TYR B 288 1.43 23.66 31.27
CA TYR B 288 1.65 22.32 31.79
C TYR B 288 0.46 21.81 32.63
N ARG B 289 0.02 22.60 33.60
CA ARG B 289 -1.13 22.21 34.43
C ARG B 289 -2.35 21.89 33.57
N GLN B 290 -2.62 22.74 32.60
CA GLN B 290 -3.76 22.57 31.68
C GLN B 290 -3.70 21.21 30.98
N VAL B 291 -2.54 20.89 30.41
CA VAL B 291 -2.32 19.60 29.78
C VAL B 291 -2.45 18.49 30.81
N ARG B 292 -1.75 18.62 31.93
CA ARG B 292 -1.85 17.62 32.99
C ARG B 292 -3.31 17.35 33.37
N ASP B 293 -4.10 18.41 33.50
CA ASP B 293 -5.51 18.30 33.92
C ASP B 293 -6.46 17.66 32.89
N LEU B 294 -5.99 17.38 31.68
CA LEU B 294 -6.77 16.58 30.73
C LEU B 294 -7.08 15.18 31.29
N LEU B 295 -6.25 14.74 32.23
CA LEU B 295 -6.47 13.54 33.03
C LEU B 295 -6.93 13.98 34.41
N SER B 296 -8.15 13.61 34.77
CA SER B 296 -8.68 13.98 36.06
C SER B 296 -7.88 13.25 37.14
N PRO B 297 -7.69 13.89 38.32
CA PRO B 297 -7.06 13.21 39.45
C PRO B 297 -7.77 11.90 39.77
N ARG B 298 -9.10 11.92 39.70
CA ARG B 298 -9.95 10.72 39.79
C ARG B 298 -9.50 9.62 38.82
N GLU B 299 -9.30 9.98 37.56
CA GLU B 299 -8.81 9.01 36.56
C GLU B 299 -7.42 8.52 36.96
N ALA B 300 -6.50 9.47 37.17
CA ALA B 300 -5.11 9.15 37.49
C ALA B 300 -4.99 8.21 38.69
N LEU B 301 -5.70 8.55 39.77
CA LEU B 301 -5.69 7.73 40.98
C LEU B 301 -6.35 6.36 40.76
N ALA B 302 -7.30 6.29 39.82
CA ALA B 302 -7.92 5.01 39.41
C ALA B 302 -6.94 4.12 38.64
N TYR B 303 -6.16 4.72 37.74
CA TYR B 303 -5.13 3.98 37.00
C TYR B 303 -4.06 3.46 37.98
N LEU B 304 -3.57 4.34 38.85
CA LEU B 304 -2.67 3.95 39.95
C LEU B 304 -3.24 2.78 40.78
N SER B 305 -4.52 2.88 41.12
CA SER B 305 -5.18 1.86 41.96
C SER B 305 -5.12 0.44 41.35
N HIS B 306 -5.24 0.36 40.03
CA HIS B 306 -5.20 -0.91 39.30
C HIS B 306 -3.85 -1.64 39.44
N PHE B 307 -2.78 -0.87 39.67
CA PHE B 307 -1.45 -1.45 39.93
C PHE B 307 -1.30 -1.99 41.37
N PHE B 308 -1.79 -1.24 42.36
CA PHE B 308 -1.57 -1.60 43.77
C PHE B 308 -2.82 -2.26 44.41
N GLN B 309 -3.28 -3.33 43.76
CA GLN B 309 -4.34 -4.22 44.28
C GLN B 309 -5.75 -3.60 44.39
N GLN B 310 -6.08 -2.66 43.51
CA GLN B 310 -7.36 -1.94 43.55
C GLN B 310 -7.56 -1.17 44.88
N HIS B 311 -6.45 -0.75 45.49
CA HIS B 311 -6.49 0.08 46.69
C HIS B 311 -6.93 1.49 46.34
N ASP B 312 -7.84 2.03 47.16
CA ASP B 312 -8.36 3.39 47.00
C ASP B 312 -7.38 4.42 47.61
N PHE B 313 -6.67 5.15 46.75
CA PHE B 313 -5.66 6.13 47.20
C PHE B 313 -6.22 7.53 47.41
N SER B 314 -7.53 7.69 47.36
CA SER B 314 -8.17 8.99 47.62
C SER B 314 -8.02 9.41 49.08
N VAL B 315 -8.06 8.43 49.98
CA VAL B 315 -7.89 8.64 51.43
C VAL B 315 -6.59 9.39 51.74
N LEU B 351 2.24 11.74 45.77
CA LEU B 351 1.14 10.91 45.28
C LEU B 351 0.60 11.42 43.93
N ARG B 352 0.37 12.73 43.84
CA ARG B 352 -0.05 13.36 42.60
C ARG B 352 0.96 13.07 41.50
N GLU B 353 2.23 13.38 41.78
CA GLU B 353 3.32 13.16 40.83
C GLU B 353 3.44 11.68 40.47
N VAL B 354 3.43 10.82 41.49
CA VAL B 354 3.45 9.38 41.27
C VAL B 354 2.29 9.00 40.35
N ALA B 355 1.08 9.39 40.75
CA ALA B 355 -0.15 9.03 40.01
C ALA B 355 -0.04 9.37 38.52
N TYR B 356 0.40 10.59 38.22
CA TYR B 356 0.48 11.08 36.85
C TYR B 356 1.64 10.45 36.06
N GLU B 357 2.83 10.45 36.64
CA GLU B 357 4.04 9.96 35.94
C GLU B 357 4.05 8.44 35.84
N GLY B 366 9.73 12.79 27.23
CA GLY B 366 9.72 13.55 28.48
C GLY B 366 9.50 15.05 28.31
N THR B 367 8.77 15.64 29.26
CA THR B 367 8.63 17.09 29.38
C THR B 367 9.57 17.65 30.49
N SER B 368 10.16 16.73 31.28
CA SER B 368 11.18 17.07 32.31
C SER B 368 10.65 18.04 33.36
N GLU B 369 10.88 19.31 33.05
CA GLU B 369 10.73 20.46 33.94
C GLU B 369 11.71 21.41 33.26
N ALA B 370 12.87 20.83 32.94
CA ALA B 370 13.88 21.44 32.08
C ALA B 370 13.39 21.75 30.65
N PHE B 371 12.41 21.00 30.10
CA PHE B 371 11.77 21.42 28.81
C PHE B 371 10.40 22.08 29.03
N ILE B 372 10.18 22.62 30.21
CA ILE B 372 9.03 23.46 30.44
C ILE B 372 9.55 24.82 30.86
N GLY B 373 9.33 25.82 30.01
CA GLY B 373 9.80 27.14 30.34
C GLY B 373 9.74 28.07 29.15
N THR B 374 10.59 29.09 29.15
CA THR B 374 10.58 30.08 28.09
C THR B 374 11.22 29.50 26.85
N PRO B 375 10.93 30.09 25.66
CA PRO B 375 11.63 29.59 24.47
C PRO B 375 13.14 29.56 24.62
N GLU B 376 13.72 30.59 25.23
CA GLU B 376 15.18 30.66 25.35
C GLU B 376 15.70 29.57 26.29
N ALA B 377 15.02 29.35 27.41
CA ALA B 377 15.49 28.33 28.36
C ALA B 377 15.35 26.91 27.81
N VAL B 378 14.25 26.62 27.12
CA VAL B 378 14.02 25.30 26.53
C VAL B 378 15.02 25.04 25.38
N ALA B 379 15.28 26.04 24.56
CA ALA B 379 16.35 25.94 23.55
C ALA B 379 17.71 25.70 24.19
N SER B 380 18.00 26.41 25.28
CA SER B 380 19.27 26.18 25.98
C SER B 380 19.39 24.74 26.48
N GLU B 381 18.30 24.17 27.00
CA GLU B 381 18.35 22.78 27.49
C GLU B 381 18.57 21.77 26.35
N MET B 382 17.88 21.99 25.23
CA MET B 382 18.09 21.17 24.05
C MET B 382 19.54 21.25 23.59
N ILE B 383 20.07 22.48 23.50
CA ILE B 383 21.48 22.68 23.19
C ILE B 383 22.43 21.94 24.15
N ARG B 384 22.13 22.02 25.46
CA ARG B 384 22.91 21.28 26.44
C ARG B 384 22.89 19.77 26.17
N TRP B 385 21.74 19.20 25.84
CA TRP B 385 21.69 17.76 25.60
C TRP B 385 22.57 17.37 24.38
N VAL B 386 22.54 18.19 23.33
CA VAL B 386 23.35 17.92 22.14
C VAL B 386 24.84 18.11 22.45
N ASP B 387 25.20 19.25 23.05
CA ASP B 387 26.61 19.55 23.31
C ASP B 387 27.25 18.61 24.34
N GLU B 388 26.48 18.09 25.28
CA GLU B 388 27.05 17.26 26.35
C GLU B 388 26.89 15.76 26.10
N GLY B 389 26.48 15.40 24.88
CA GLY B 389 26.50 14.01 24.45
C GLY B 389 25.31 13.17 24.89
N ALA B 390 24.10 13.75 24.87
CA ALA B 390 22.87 13.00 25.08
C ALA B 390 21.97 12.89 23.82
N ALA B 391 22.25 13.65 22.77
CA ALA B 391 21.37 13.70 21.61
C ALA B 391 22.09 14.20 20.35
N ASP B 392 21.73 13.65 19.20
CA ASP B 392 22.08 14.25 17.91
C ASP B 392 20.92 15.06 17.33
N GLY B 393 19.75 14.89 17.92
CA GLY B 393 18.54 15.59 17.49
C GLY B 393 17.43 15.11 18.39
N PHE B 394 16.18 15.48 18.10
CA PHE B 394 15.07 15.15 18.97
C PHE B 394 13.86 14.70 18.21
N MET B 395 13.17 13.77 18.85
CA MET B 395 11.90 13.34 18.37
C MET B 395 10.86 14.05 19.22
N LEU B 396 10.11 14.95 18.60
CA LEU B 396 9.08 15.72 19.28
C LEU B 396 7.82 14.89 19.48
N GLY B 397 7.59 14.51 20.74
CA GLY B 397 6.38 13.82 21.13
C GLY B 397 5.56 14.80 21.96
N LEU B 398 4.88 15.74 21.30
CA LEU B 398 4.22 16.82 22.03
C LEU B 398 2.93 16.34 22.72
N PRO B 399 2.67 16.84 23.95
CA PRO B 399 1.45 16.42 24.67
C PRO B 399 0.18 16.63 23.83
N VAL B 400 0.09 17.79 23.19
CA VAL B 400 -1.02 18.10 22.28
C VAL B 400 -0.43 18.57 20.93
N THR B 401 -0.79 17.90 19.86
CA THR B 401 -0.16 18.12 18.55
C THR B 401 -0.54 19.48 17.94
N GLY B 402 -1.65 20.06 18.40
CA GLY B 402 -2.07 21.39 17.92
C GLY B 402 -1.16 22.49 18.47
N PHE B 403 -1.49 22.99 19.65
CA PHE B 403 -0.77 24.14 20.21
C PHE B 403 0.70 23.82 20.46
N GLY B 404 0.98 22.56 20.81
CA GLY B 404 2.33 22.15 21.11
C GLY B 404 3.31 22.34 19.96
N LEU B 405 2.90 21.88 18.78
CA LEU B 405 3.74 22.02 17.60
C LEU B 405 3.81 23.49 17.14
N ASP B 406 2.67 24.18 17.16
CA ASP B 406 2.62 25.59 16.81
C ASP B 406 3.64 26.39 17.66
N ASP B 407 3.58 26.21 18.98
CA ASP B 407 4.46 26.90 19.93
C ASP B 407 5.92 26.53 19.62
N PHE B 408 6.17 25.25 19.41
CA PHE B 408 7.54 24.83 19.20
C PHE B 408 8.13 25.44 17.91
N VAL B 409 7.39 25.35 16.82
CA VAL B 409 7.90 25.79 15.54
C VAL B 409 8.01 27.32 15.49
N ASP B 410 7.02 28.00 16.06
CA ASP B 410 6.96 29.47 15.95
C ASP B 410 7.92 30.16 16.91
N HIS B 411 8.18 29.56 18.07
CA HIS B 411 8.97 30.23 19.11
C HIS B 411 10.30 29.60 19.48
N VAL B 412 10.41 28.27 19.41
CA VAL B 412 11.65 27.62 19.81
C VAL B 412 12.63 27.44 18.65
N LEU B 413 12.17 26.91 17.51
CA LEU B 413 13.09 26.75 16.39
C LEU B 413 13.83 28.05 15.99
N PRO B 414 13.13 29.21 15.93
CA PRO B 414 13.85 30.44 15.59
C PRO B 414 14.96 30.83 16.59
N VAL B 415 14.80 30.46 17.85
CA VAL B 415 15.85 30.64 18.83
C VAL B 415 17.03 29.73 18.53
N LEU B 416 16.76 28.46 18.25
CA LEU B 416 17.83 27.55 17.92
C LEU B 416 18.58 28.01 16.66
N SER B 417 17.84 28.48 15.65
CA SER B 417 18.47 29.04 14.45
C SER B 417 19.36 30.25 14.78
N ALA B 418 18.88 31.16 15.64
CA ALA B 418 19.66 32.34 16.00
C ALA B 418 20.95 31.95 16.70
N ARG B 419 20.92 30.90 17.53
CA ARG B 419 22.13 30.41 18.20
C ARG B 419 23.04 29.51 17.37
N GLY B 420 22.67 29.22 16.13
CA GLY B 420 23.55 28.49 15.24
C GLY B 420 23.37 26.97 15.34
N TYR B 421 22.25 26.53 15.93
CA TYR B 421 21.98 25.11 16.12
C TYR B 421 20.85 24.53 15.27
N PHE B 422 20.35 25.30 14.30
CA PHE B 422 19.28 24.81 13.42
C PHE B 422 19.19 25.60 12.12
N ASP B 423 19.57 24.96 11.01
CA ASP B 423 19.32 25.50 9.69
C ASP B 423 17.90 25.08 9.32
N PRO B 424 16.99 26.05 9.21
CA PRO B 424 15.60 25.68 8.91
C PRO B 424 15.33 25.28 7.46
N VAL B 425 16.31 25.38 6.58
CA VAL B 425 16.11 25.07 5.17
C VAL B 425 16.60 23.68 4.89
N ARG B 426 15.71 22.82 4.39
CA ARG B 426 16.05 21.46 3.99
C ARG B 426 16.36 21.50 2.49
N ARG B 427 17.64 21.61 2.15
CA ARG B 427 18.05 21.81 0.76
C ARG B 427 18.06 20.55 -0.05
N GLY B 428 18.33 19.43 0.59
CA GLY B 428 18.35 18.16 -0.11
C GLY B 428 16.96 17.66 -0.44
N ALA B 429 16.91 16.50 -1.10
CA ALA B 429 15.66 15.92 -1.56
C ALA B 429 15.25 14.70 -0.72
N THR B 430 16.20 13.99 -0.14
CA THR B 430 15.90 12.70 0.48
C THR B 430 15.97 12.79 2.01
N LEU B 431 15.42 11.79 2.68
CA LEU B 431 15.54 11.70 4.13
C LEU B 431 17.00 11.53 4.57
N ARG B 432 17.76 10.71 3.83
CA ARG B 432 19.18 10.59 4.09
C ARG B 432 19.86 11.97 4.03
N ASP B 433 19.56 12.76 2.99
CA ASP B 433 20.12 14.13 2.84
C ASP B 433 19.81 14.96 4.06
N HIS B 434 18.54 14.92 4.48
CA HIS B 434 18.12 15.74 5.63
C HIS B 434 18.86 15.39 6.90
N LEU B 435 19.16 14.11 7.08
CA LEU B 435 19.82 13.64 8.28
C LEU B 435 21.36 13.66 8.20
N GLY B 436 21.93 14.13 7.08
CA GLY B 436 23.36 14.17 6.89
C GLY B 436 23.97 12.80 6.59
N LEU B 437 23.16 11.88 6.08
CA LEU B 437 23.65 10.53 5.76
C LEU B 437 23.93 10.43 4.27
N PRO B 438 24.97 9.67 3.89
CA PRO B 438 25.25 9.55 2.45
C PRO B 438 24.19 8.69 1.74
N TYR B 439 24.11 8.83 0.42
CA TYR B 439 23.33 7.94 -0.41
C TYR B 439 23.68 6.48 -0.07
N LYS B 440 22.68 5.61 -0.02
CA LYS B 440 22.95 4.21 0.28
C LYS B 440 23.16 3.37 -0.99
N GLU B 441 24.43 3.09 -1.27
CA GLU B 441 24.80 2.27 -2.43
C GLU B 441 24.35 0.84 -2.21
N SER B 442 24.04 0.17 -3.31
CA SER B 442 23.71 -1.25 -3.29
C SER B 442 24.92 -2.07 -2.84
N ARG B 443 24.63 -3.14 -2.09
CA ARG B 443 25.61 -4.18 -1.77
C ARG B 443 26.34 -4.76 -2.99
N TYR B 444 25.71 -4.65 -4.16
CA TYR B 444 26.28 -5.13 -5.42
C TYR B 444 26.87 -4.01 -6.30
N ALA B 445 26.90 -2.77 -5.79
CA ALA B 445 27.20 -1.59 -6.62
C ALA B 445 28.43 -1.81 -7.51
C1 EDO C . 9.17 8.82 -10.22
O1 EDO C . 8.40 8.98 -11.42
C2 EDO C . 8.60 7.67 -9.38
O2 EDO C . 7.21 7.88 -9.06
C1 EDO D . -25.87 8.10 -31.35
O1 EDO D . -24.43 7.96 -31.40
C2 EDO D . -26.63 7.21 -32.33
O2 EDO D . -26.19 5.84 -32.32
C1 EDO E . 19.76 34.01 21.09
O1 EDO E . 19.52 33.47 22.41
C2 EDO E . 18.56 34.72 20.40
O2 EDO E . 17.29 34.07 20.53
#